data_7CBC
#
_entry.id   7CBC
#
_cell.length_a   178.993
_cell.length_b   60.127
_cell.length_c   71.799
_cell.angle_alpha   90.000
_cell.angle_beta   112.460
_cell.angle_gamma   90.000
#
_symmetry.space_group_name_H-M   'C 1 2 1'
#
loop_
_entity.id
_entity.type
_entity.pdbx_description
1 polymer 'De novo designed switch protein caging a hemagglutinin binder (sCageHA267_1S)'
2 non-polymer ETHANOL
3 water water
#
_entity_poly.entity_id   1
_entity_poly.type   'polypeptide(L)'
_entity_poly.pdbx_seq_one_letter_code
;(MSE)SELARKLLEASTKLQRLNIRLAEALLEA(MSE)ARLQELNLELVYLAVELTDPKRIRDEIKEVKDKSKEIIRRAE
KEIDDAAKESEKILEEAREAISGSGSYLAKLLLKAIAETQDLNLRAAKAFLEAAAKLQELNIRAVELLVKLYDPATIREA
LEHAKRRSKEIIDEAERAIRAAKRESERIIEEARRLIEKGSGSGSELARELLRAHAQLQRLNLELLRELLRALAQLQELN
LDLLRLASELTDPDEARKAIARSKRESKRIVEDAERGGGTFACRIAAKIAAEFGYSEEQIKELLKNAGCSEDEARDAVEY
LRSRPGL
;
_entity_poly.pdbx_strand_id   A,B
#
loop_
_chem_comp.id
_chem_comp.type
_chem_comp.name
_chem_comp.formula
EOH non-polymer ETHANOL 'C2 H6 O'
#
# COMPACT_ATOMS: atom_id res chain seq x y z
N MSE A 1 -3.99 -27.90 -33.76
CA MSE A 1 -4.33 -28.59 -32.52
C MSE A 1 -5.78 -28.29 -32.11
O MSE A 1 -6.42 -29.12 -31.47
CB MSE A 1 -3.38 -28.17 -31.40
CG MSE A 1 -3.25 -26.67 -31.21
SE MSE A 1 -2.30 -26.28 -29.56
CE MSE A 1 -1.98 -24.37 -29.75
N SER A 2 -6.26 -27.11 -32.53
CA SER A 2 -7.57 -26.54 -32.24
C SER A 2 -7.47 -25.04 -32.40
N GLU A 3 -8.48 -24.39 -32.97
CA GLU A 3 -8.41 -22.93 -33.03
C GLU A 3 -8.48 -22.29 -31.66
N LEU A 4 -9.19 -22.92 -30.70
CA LEU A 4 -9.28 -22.36 -29.37
C LEU A 4 -7.98 -22.55 -28.60
N ALA A 5 -7.29 -23.67 -28.83
CA ALA A 5 -5.98 -23.84 -28.21
C ALA A 5 -4.98 -22.84 -28.75
N ARG A 6 -5.03 -22.56 -30.06
CA ARG A 6 -4.10 -21.59 -30.63
C ARG A 6 -4.38 -20.21 -30.11
N LYS A 7 -5.63 -19.91 -29.81
CA LYS A 7 -5.97 -18.60 -29.31
C LYS A 7 -5.46 -18.43 -27.87
N LEU A 8 -5.57 -19.47 -27.05
CA LEU A 8 -5.03 -19.40 -25.70
C LEU A 8 -3.53 -19.18 -25.71
N LEU A 9 -2.79 -19.98 -26.47
CA LEU A 9 -1.35 -19.79 -26.55
C LEU A 9 -1.01 -18.40 -27.08
N GLU A 10 -1.79 -17.91 -28.05
CA GLU A 10 -1.58 -16.58 -28.58
C GLU A 10 -1.80 -15.50 -27.51
N ALA A 11 -2.79 -15.69 -26.65
CA ALA A 11 -2.95 -14.79 -25.51
C ALA A 11 -1.74 -14.85 -24.59
N SER A 12 -1.29 -16.05 -24.25
CA SER A 12 -0.23 -16.20 -23.25
C SER A 12 1.09 -15.60 -23.73
N THR A 13 1.47 -15.86 -24.99
CA THR A 13 2.73 -15.30 -25.48
C THR A 13 2.63 -13.78 -25.59
N LYS A 14 1.50 -13.26 -26.06
CA LYS A 14 1.33 -11.81 -26.12
C LYS A 14 1.40 -11.19 -24.73
N LEU A 15 0.80 -11.84 -23.74
CA LEU A 15 0.89 -11.35 -22.38
C LEU A 15 2.32 -11.43 -21.85
N GLN A 16 3.08 -12.45 -22.27
CA GLN A 16 4.46 -12.52 -21.84
C GLN A 16 5.29 -11.39 -22.45
N ARG A 17 5.09 -11.11 -23.75
CA ARG A 17 5.79 -9.98 -24.36
C ARG A 17 5.51 -8.69 -23.60
N LEU A 18 4.24 -8.46 -23.29
CA LEU A 18 3.85 -7.29 -22.53
C LEU A 18 4.64 -7.19 -21.23
N ASN A 19 4.74 -8.30 -20.50
CA ASN A 19 5.46 -8.33 -19.23
C ASN A 19 6.94 -8.07 -19.43
N ILE A 20 7.52 -8.66 -20.48
CA ILE A 20 8.92 -8.37 -20.81
C ILE A 20 9.12 -6.88 -21.02
N ARG A 21 8.25 -6.26 -21.82
CA ARG A 21 8.40 -4.83 -22.08
C ARG A 21 8.26 -4.00 -20.81
N LEU A 22 7.31 -4.37 -19.95
CA LEU A 22 7.12 -3.69 -18.68
C LEU A 22 8.34 -3.83 -17.78
N ALA A 23 8.92 -5.04 -17.73
CA ALA A 23 10.11 -5.26 -16.92
C ALA A 23 11.29 -4.45 -17.45
N GLU A 24 11.40 -4.32 -18.76
CA GLU A 24 12.45 -3.47 -19.32
C GLU A 24 12.26 -2.01 -18.91
N ALA A 25 11.01 -1.53 -18.93
CA ALA A 25 10.71 -0.15 -18.52
C ALA A 25 11.02 0.08 -17.04
N LEU A 26 10.60 -0.84 -16.17
CA LEU A 26 10.89 -0.73 -14.75
C LEU A 26 12.38 -0.76 -14.47
N LEU A 27 13.12 -1.59 -15.21
CA LEU A 27 14.56 -1.57 -15.13
C LEU A 27 15.13 -0.21 -15.53
N GLU A 28 14.65 0.33 -16.66
CA GLU A 28 15.09 1.64 -17.10
C GLU A 28 14.86 2.69 -16.02
N ALA A 29 13.63 2.75 -15.49
CA ALA A 29 13.31 3.73 -14.46
C ALA A 29 14.18 3.56 -13.23
N MSE A 30 14.54 2.31 -12.90
CA MSE A 30 15.40 2.04 -11.77
C MSE A 30 16.82 2.50 -12.09
O MSE A 30 17.55 2.99 -11.22
CB MSE A 30 15.38 0.54 -11.41
CG MSE A 30 16.26 0.17 -10.21
SE MSE A 30 16.61 -1.76 -10.10
CE MSE A 30 18.00 -1.89 -11.46
N ALA A 31 17.21 2.38 -13.37
CA ALA A 31 18.50 2.93 -13.79
C ALA A 31 18.50 4.45 -13.66
N ARG A 32 17.41 5.11 -14.06
CA ARG A 32 17.34 6.56 -13.92
C ARG A 32 17.38 6.98 -12.46
N LEU A 33 16.59 6.33 -11.60
CA LEU A 33 16.59 6.68 -10.18
C LEU A 33 17.99 6.56 -9.57
N GLN A 34 18.67 5.45 -9.87
CA GLN A 34 20.03 5.26 -9.39
C GLN A 34 20.96 6.34 -9.89
N GLU A 35 20.83 6.71 -11.16
CA GLU A 35 21.64 7.76 -11.74
C GLU A 35 21.47 9.06 -10.97
N LEU A 36 20.23 9.37 -10.55
CA LEU A 36 19.98 10.54 -9.72
C LEU A 36 20.59 10.39 -8.34
N ASN A 37 20.43 9.23 -7.71
CA ASN A 37 20.98 9.07 -6.37
C ASN A 37 22.49 9.26 -6.36
N LEU A 38 23.19 8.69 -7.34
CA LEU A 38 24.64 8.86 -7.38
C LEU A 38 25.01 10.33 -7.56
N GLU A 39 24.31 11.02 -8.45
CA GLU A 39 24.54 12.44 -8.65
C GLU A 39 24.28 13.23 -7.38
N LEU A 40 23.23 12.88 -6.65
CA LEU A 40 22.93 13.61 -5.42
C LEU A 40 24.00 13.40 -4.36
N VAL A 41 24.47 12.16 -4.22
CA VAL A 41 25.58 11.90 -3.29
C VAL A 41 26.78 12.73 -3.67
N TYR A 42 27.08 12.81 -4.98
CA TYR A 42 28.28 13.50 -5.43
C TYR A 42 28.21 14.99 -5.09
N LEU A 43 27.02 15.59 -5.20
CA LEU A 43 26.88 17.00 -4.88
C LEU A 43 26.88 17.26 -3.39
N ALA A 44 26.39 16.31 -2.59
CA ALA A 44 26.42 16.44 -1.15
C ALA A 44 27.83 16.44 -0.59
N VAL A 45 28.80 15.90 -1.34
CA VAL A 45 30.20 15.99 -0.94
C VAL A 45 30.70 17.42 -1.07
N GLU A 46 30.24 18.14 -2.10
CA GLU A 46 30.69 19.50 -2.38
C GLU A 46 29.94 20.54 -1.54
N LEU A 47 28.62 20.62 -1.72
CA LEU A 47 27.85 21.77 -1.26
C LEU A 47 27.76 21.86 0.27
N THR A 48 27.85 23.09 0.77
CA THR A 48 27.63 23.43 2.17
C THR A 48 26.59 24.53 2.34
N ASP A 49 26.40 25.39 1.36
CA ASP A 49 25.34 26.39 1.28
C ASP A 49 24.00 25.79 1.74
N PRO A 50 23.39 26.32 2.81
CA PRO A 50 22.11 25.75 3.27
C PRO A 50 20.95 26.01 2.32
N LYS A 51 20.91 27.21 1.72
CA LYS A 51 19.85 27.54 0.76
C LYS A 51 19.94 26.68 -0.49
N ARG A 52 21.16 26.34 -0.90
CA ARG A 52 21.36 25.60 -2.13
C ARG A 52 21.03 24.13 -1.96
N ILE A 53 21.49 23.52 -0.87
CA ILE A 53 21.26 22.10 -0.67
C ILE A 53 19.77 21.80 -0.58
N ARG A 54 18.99 22.70 0.02
CA ARG A 54 17.55 22.45 0.06
C ARG A 54 16.93 22.53 -1.32
N ASP A 55 17.50 23.34 -2.22
CA ASP A 55 16.97 23.47 -3.57
C ASP A 55 17.30 22.24 -4.42
N GLU A 56 18.51 21.68 -4.25
CA GLU A 56 18.90 20.54 -5.04
C GLU A 56 18.25 19.26 -4.51
N ILE A 57 18.05 19.18 -3.20
CA ILE A 57 17.26 18.09 -2.64
C ILE A 57 15.84 18.12 -3.19
N LYS A 58 15.20 19.29 -3.17
CA LYS A 58 13.85 19.40 -3.73
C LYS A 58 13.82 18.98 -5.19
N GLU A 59 14.84 19.37 -5.96
CA GLU A 59 14.82 19.10 -7.39
C GLU A 59 15.05 17.62 -7.69
N VAL A 60 15.86 16.93 -6.89
CA VAL A 60 15.98 15.50 -7.12
C VAL A 60 14.73 14.78 -6.60
N LYS A 61 14.08 15.31 -5.56
CA LYS A 61 12.80 14.76 -5.15
C LYS A 61 11.79 14.85 -6.29
N ASP A 62 11.55 16.07 -6.78
CA ASP A 62 10.60 16.23 -7.88
C ASP A 62 11.01 15.39 -9.09
N LYS A 63 12.30 15.31 -9.40
CA LYS A 63 12.71 14.51 -10.55
C LYS A 63 12.42 13.03 -10.31
N SER A 64 12.65 12.54 -9.09
CA SER A 64 12.37 11.15 -8.76
C SER A 64 10.88 10.85 -8.85
N LYS A 65 10.03 11.75 -8.34
CA LYS A 65 8.61 11.47 -8.35
C LYS A 65 8.06 11.46 -9.78
N GLU A 66 8.65 12.25 -10.66
CA GLU A 66 8.27 12.19 -12.06
C GLU A 66 8.64 10.84 -12.66
N ILE A 67 9.87 10.36 -12.40
CA ILE A 67 10.26 9.03 -12.86
C ILE A 67 9.30 7.97 -12.35
N ILE A 68 8.92 8.07 -11.08
CA ILE A 68 8.06 7.06 -10.47
C ILE A 68 6.64 7.17 -11.01
N ARG A 69 6.12 8.39 -11.14
CA ARG A 69 4.78 8.56 -11.68
C ARG A 69 4.69 8.08 -13.13
N ARG A 70 5.75 8.25 -13.92
CA ARG A 70 5.68 7.76 -15.28
C ARG A 70 5.86 6.23 -15.34
N ALA A 71 6.60 5.64 -14.40
CA ALA A 71 6.65 4.18 -14.31
C ALA A 71 5.31 3.60 -13.82
N GLU A 72 4.59 4.31 -12.95
CA GLU A 72 3.23 3.89 -12.63
C GLU A 72 2.33 3.91 -13.86
N LYS A 73 2.59 4.84 -14.78
CA LYS A 73 1.81 4.92 -16.01
C LYS A 73 2.09 3.73 -16.92
N GLU A 74 3.36 3.29 -17.01
CA GLU A 74 3.66 2.10 -17.81
C GLU A 74 2.96 0.87 -17.26
N ILE A 75 2.85 0.76 -15.93
CA ILE A 75 2.15 -0.38 -15.33
C ILE A 75 0.67 -0.33 -15.69
N ASP A 76 0.06 0.84 -15.56
CA ASP A 76 -1.35 1.01 -15.88
C ASP A 76 -1.59 0.88 -17.37
N ASP A 77 -0.64 1.33 -18.18
CA ASP A 77 -0.73 1.09 -19.61
C ASP A 77 -0.67 -0.40 -19.92
N ALA A 78 0.17 -1.14 -19.19
CA ALA A 78 0.26 -2.59 -19.35
C ALA A 78 -1.00 -3.29 -18.87
N ALA A 79 -1.64 -2.77 -17.81
CA ALA A 79 -2.93 -3.34 -17.39
C ALA A 79 -3.99 -3.19 -18.49
N LYS A 80 -4.08 -2.02 -19.12
CA LYS A 80 -5.10 -1.80 -20.14
C LYS A 80 -4.87 -2.69 -21.36
N GLU A 81 -3.60 -2.83 -21.77
CA GLU A 81 -3.31 -3.73 -22.88
C GLU A 81 -3.48 -5.18 -22.49
N SER A 82 -3.23 -5.51 -21.21
CA SER A 82 -3.51 -6.87 -20.75
C SER A 82 -4.98 -7.21 -20.90
N GLU A 83 -5.85 -6.24 -20.58
CA GLU A 83 -7.29 -6.42 -20.64
C GLU A 83 -7.79 -6.47 -22.07
N LYS A 84 -7.11 -5.79 -22.99
CA LYS A 84 -7.45 -5.92 -24.40
C LYS A 84 -7.04 -7.28 -24.95
N ILE A 85 -5.83 -7.73 -24.62
CA ILE A 85 -5.37 -9.03 -25.10
C ILE A 85 -6.29 -10.14 -24.58
N LEU A 86 -6.64 -10.07 -23.29
CA LEU A 86 -7.55 -11.08 -22.75
C LEU A 86 -8.95 -10.95 -23.34
N GLU A 87 -9.28 -9.78 -23.90
CA GLU A 87 -10.61 -9.55 -24.45
C GLU A 87 -10.75 -10.15 -25.85
N GLU A 88 -9.74 -9.92 -26.70
CA GLU A 88 -9.72 -10.62 -27.98
C GLU A 88 -9.77 -12.13 -27.76
N ALA A 89 -9.01 -12.62 -26.78
CA ALA A 89 -9.05 -14.03 -26.43
C ALA A 89 -10.44 -14.45 -25.98
N ARG A 90 -11.04 -13.68 -25.07
CA ARG A 90 -12.34 -14.01 -24.53
C ARG A 90 -13.43 -13.94 -25.61
N GLU A 91 -13.27 -13.04 -26.59
CA GLU A 91 -14.25 -12.93 -27.66
C GLU A 91 -14.37 -14.23 -28.44
N ALA A 92 -13.27 -14.95 -28.62
CA ALA A 92 -13.35 -16.25 -29.27
C ALA A 92 -13.76 -17.35 -28.30
N ILE A 93 -13.34 -17.26 -27.03
CA ILE A 93 -13.57 -18.35 -26.08
C ILE A 93 -14.98 -18.28 -25.49
N SER A 94 -15.38 -17.10 -25.01
CA SER A 94 -16.63 -16.99 -24.25
C SER A 94 -17.83 -17.51 -25.03
N GLY A 95 -17.85 -17.31 -26.34
CA GLY A 95 -18.99 -17.70 -27.14
C GLY A 95 -18.93 -19.09 -27.74
N SER A 96 -17.90 -19.86 -27.44
CA SER A 96 -17.73 -21.17 -28.05
C SER A 96 -18.33 -22.30 -27.23
N GLY A 97 -18.66 -22.04 -25.97
CA GLY A 97 -19.22 -23.08 -25.12
C GLY A 97 -18.25 -24.17 -24.72
N SER A 98 -16.95 -23.88 -24.70
CA SER A 98 -15.94 -24.85 -24.33
C SER A 98 -15.56 -24.63 -22.86
N TYR A 99 -15.93 -25.60 -22.01
CA TYR A 99 -15.61 -25.46 -20.59
C TYR A 99 -14.11 -25.41 -20.35
N LEU A 100 -13.33 -26.08 -21.19
CA LEU A 100 -11.88 -26.13 -20.98
C LEU A 100 -11.22 -24.82 -21.44
N ALA A 101 -11.62 -24.31 -22.60
CA ALA A 101 -11.14 -23.02 -23.06
C ALA A 101 -11.41 -21.93 -22.02
N LYS A 102 -12.62 -21.91 -21.46
CA LYS A 102 -12.95 -20.87 -20.49
C LYS A 102 -12.16 -21.04 -19.20
N LEU A 103 -11.89 -22.30 -18.80
CA LEU A 103 -11.12 -22.56 -17.60
C LEU A 103 -9.67 -22.13 -17.77
N LEU A 104 -9.05 -22.52 -18.89
CA LEU A 104 -7.68 -22.09 -19.14
C LEU A 104 -7.58 -20.57 -19.16
N LEU A 105 -8.53 -19.91 -19.85
CA LEU A 105 -8.48 -18.46 -19.97
C LEU A 105 -8.66 -17.77 -18.63
N LYS A 106 -9.56 -18.28 -17.78
CA LYS A 106 -9.66 -17.72 -16.43
C LYS A 106 -8.33 -17.87 -15.69
N ALA A 107 -7.65 -19.00 -15.90
CA ALA A 107 -6.36 -19.18 -15.26
C ALA A 107 -5.33 -18.21 -15.82
N ILE A 108 -5.45 -17.85 -17.09
CA ILE A 108 -4.50 -16.88 -17.65
C ILE A 108 -4.81 -15.49 -17.13
N ALA A 109 -6.11 -15.15 -17.01
CA ALA A 109 -6.46 -13.81 -16.54
C ALA A 109 -6.06 -13.63 -15.09
N GLU A 110 -6.36 -14.61 -14.23
CA GLU A 110 -5.95 -14.50 -12.83
C GLU A 110 -4.45 -14.40 -12.69
N THR A 111 -3.72 -15.18 -13.49
CA THR A 111 -2.27 -15.16 -13.37
C THR A 111 -1.71 -13.82 -13.82
N GLN A 112 -2.24 -13.27 -14.90
CA GLN A 112 -1.75 -11.98 -15.36
C GLN A 112 -2.05 -10.88 -14.37
N ASP A 113 -3.18 -10.96 -13.66
CA ASP A 113 -3.44 -9.94 -12.65
C ASP A 113 -2.43 -10.04 -11.51
N LEU A 114 -2.02 -11.26 -11.16
CA LEU A 114 -0.94 -11.41 -10.16
C LEU A 114 0.33 -10.72 -10.63
N ASN A 115 0.72 -10.94 -11.89
CA ASN A 115 1.95 -10.35 -12.40
C ASN A 115 1.91 -8.84 -12.29
N LEU A 116 0.76 -8.22 -12.59
CA LEU A 116 0.65 -6.77 -12.52
C LEU A 116 0.74 -6.27 -11.09
N ARG A 117 0.01 -6.89 -10.16
CA ARG A 117 0.12 -6.52 -8.75
C ARG A 117 1.53 -6.68 -8.23
N ALA A 118 2.25 -7.70 -8.71
CA ALA A 118 3.65 -7.89 -8.32
C ALA A 118 4.53 -6.79 -8.91
N ALA A 119 4.27 -6.39 -10.16
CA ALA A 119 5.00 -5.27 -10.74
C ALA A 119 4.78 -3.98 -9.95
N LYS A 120 3.55 -3.73 -9.50
CA LYS A 120 3.26 -2.59 -8.64
C LYS A 120 3.98 -2.70 -7.31
N ALA A 121 3.97 -3.89 -6.71
CA ALA A 121 4.72 -4.09 -5.48
C ALA A 121 6.19 -3.78 -5.66
N PHE A 122 6.77 -4.16 -6.80
CA PHE A 122 8.19 -3.87 -6.99
C PHE A 122 8.44 -2.37 -7.11
N LEU A 123 7.59 -1.67 -7.88
CA LEU A 123 7.81 -0.25 -8.07
C LEU A 123 7.67 0.51 -6.77
N GLU A 124 6.76 0.07 -5.90
CA GLU A 124 6.57 0.75 -4.63
C GLU A 124 7.80 0.63 -3.76
N ALA A 125 8.43 -0.55 -3.74
CA ALA A 125 9.69 -0.71 -3.02
C ALA A 125 10.78 0.16 -3.62
N ALA A 126 10.79 0.34 -4.93
CA ALA A 126 11.80 1.22 -5.52
C ALA A 126 11.56 2.68 -5.14
N ALA A 127 10.29 3.11 -5.08
CA ALA A 127 10.01 4.47 -4.63
C ALA A 127 10.39 4.66 -3.16
N LYS A 128 10.08 3.68 -2.32
CA LYS A 128 10.41 3.82 -0.90
C LYS A 128 11.92 3.92 -0.68
N LEU A 129 12.70 3.10 -1.38
CA LEU A 129 14.15 3.23 -1.25
C LEU A 129 14.63 4.58 -1.73
N GLN A 130 14.03 5.11 -2.80
CA GLN A 130 14.45 6.42 -3.29
C GLN A 130 14.20 7.50 -2.25
N GLU A 131 12.97 7.57 -1.73
CA GLU A 131 12.64 8.54 -0.70
C GLU A 131 13.56 8.39 0.51
N LEU A 132 13.78 7.15 0.94
CA LEU A 132 14.75 6.87 1.97
C LEU A 132 16.12 7.39 1.60
N ASN A 133 16.55 7.17 0.36
CA ASN A 133 17.90 7.57 -0.01
C ASN A 133 18.04 9.09 -0.08
N ILE A 134 16.96 9.80 -0.42
CA ILE A 134 17.02 11.26 -0.44
C ILE A 134 17.07 11.80 0.98
N ARG A 135 16.18 11.29 1.84
CA ARG A 135 16.13 11.72 3.22
C ARG A 135 17.46 11.47 3.91
N ALA A 136 18.10 10.35 3.60
CA ALA A 136 19.39 10.02 4.18
C ALA A 136 20.43 11.07 3.83
N VAL A 137 20.53 11.44 2.55
CA VAL A 137 21.48 12.48 2.15
C VAL A 137 21.14 13.79 2.83
N GLU A 138 19.86 14.16 2.80
CA GLU A 138 19.37 15.39 3.40
C GLU A 138 19.78 15.51 4.87
N LEU A 139 19.63 14.42 5.63
CA LEU A 139 20.02 14.45 7.03
C LEU A 139 21.53 14.35 7.20
N LEU A 140 22.22 13.66 6.29
CA LEU A 140 23.66 13.52 6.45
C LEU A 140 24.41 14.84 6.24
N VAL A 141 23.90 15.72 5.38
CA VAL A 141 24.64 16.96 5.10
C VAL A 141 24.57 17.92 6.29
N LYS A 142 23.52 17.84 7.12
CA LYS A 142 23.39 18.72 8.28
C LYS A 142 24.15 18.21 9.49
N LEU A 143 24.46 16.92 9.55
CA LEU A 143 25.10 16.34 10.73
C LEU A 143 26.61 16.30 10.55
N TYR A 144 27.32 16.47 11.66
CA TYR A 144 28.78 16.37 11.68
C TYR A 144 29.29 15.35 12.68
N ASP A 145 28.53 15.09 13.74
CA ASP A 145 28.98 14.18 14.79
C ASP A 145 28.93 12.74 14.31
N PRO A 146 30.07 12.02 14.35
CA PRO A 146 30.10 10.67 13.76
C PRO A 146 29.12 9.68 14.38
N ALA A 147 28.64 9.94 15.59
CA ALA A 147 27.69 9.02 16.20
C ALA A 147 26.30 9.21 15.60
N THR A 148 25.87 10.45 15.45
CA THR A 148 24.55 10.74 14.88
C THR A 148 24.53 10.44 13.38
N ILE A 149 25.67 10.61 12.71
CA ILE A 149 25.82 10.19 11.31
C ILE A 149 25.60 8.68 11.20
N ARG A 150 26.22 7.93 12.10
CA ARG A 150 26.11 6.48 12.00
C ARG A 150 24.72 6.01 12.38
N GLU A 151 24.10 6.66 13.38
CA GLU A 151 22.71 6.35 13.71
C GLU A 151 21.82 6.50 12.49
N ALA A 152 22.07 7.53 11.68
CA ALA A 152 21.28 7.72 10.46
C ALA A 152 21.60 6.64 9.42
N LEU A 153 22.86 6.24 9.31
CA LEU A 153 23.22 5.18 8.36
C LEU A 153 22.63 3.84 8.79
N GLU A 154 22.72 3.51 10.07
CA GLU A 154 22.14 2.26 10.57
C GLU A 154 20.63 2.24 10.36
N HIS A 155 19.99 3.40 10.49
CA HIS A 155 18.55 3.44 10.25
C HIS A 155 18.24 3.18 8.77
N ALA A 156 19.02 3.79 7.87
CA ALA A 156 18.84 3.56 6.44
C ALA A 156 19.09 2.10 6.07
N LYS A 157 20.11 1.49 6.66
CA LYS A 157 20.36 0.07 6.44
C LYS A 157 19.16 -0.76 6.87
N ARG A 158 18.63 -0.52 8.07
CA ARG A 158 17.53 -1.32 8.58
C ARG A 158 16.29 -1.17 7.70
N ARG A 159 15.91 0.08 7.40
CA ARG A 159 14.70 0.32 6.62
C ARG A 159 14.84 -0.23 5.20
N SER A 160 16.01 -0.06 4.58
CA SER A 160 16.29 -0.65 3.28
C SER A 160 15.95 -2.14 3.26
N LYS A 161 16.46 -2.89 4.23
CA LYS A 161 16.26 -4.34 4.21
C LYS A 161 14.83 -4.71 4.56
N GLU A 162 14.17 -3.97 5.45
CA GLU A 162 12.74 -4.16 5.65
C GLU A 162 11.97 -3.91 4.35
N ILE A 163 12.32 -2.85 3.60
CA ILE A 163 11.62 -2.56 2.36
C ILE A 163 11.87 -3.67 1.33
N ILE A 164 13.14 -4.08 1.17
CA ILE A 164 13.45 -5.12 0.20
C ILE A 164 12.86 -6.46 0.63
N ASP A 165 12.84 -6.74 1.94
CA ASP A 165 12.28 -8.00 2.41
C ASP A 165 10.79 -8.10 2.15
N GLU A 166 10.05 -6.98 2.21
CA GLU A 166 8.63 -7.08 1.90
C GLU A 166 8.38 -7.18 0.40
N ALA A 167 9.27 -6.65 -0.43
CA ALA A 167 9.22 -6.88 -1.86
C ALA A 167 9.49 -8.34 -2.19
N GLU A 168 10.43 -8.97 -1.49
CA GLU A 168 10.67 -10.38 -1.72
C GLU A 168 9.55 -11.25 -1.18
N ARG A 169 8.80 -10.76 -0.19
CA ARG A 169 7.60 -11.49 0.23
C ARG A 169 6.52 -11.45 -0.84
N ALA A 170 6.33 -10.29 -1.46
CA ALA A 170 5.27 -10.15 -2.46
C ALA A 170 5.55 -11.04 -3.66
N ILE A 171 6.80 -11.12 -4.10
CA ILE A 171 7.11 -11.99 -5.23
C ILE A 171 6.92 -13.44 -4.85
N ARG A 172 7.38 -13.83 -3.67
CA ARG A 172 7.11 -15.16 -3.18
C ARG A 172 5.61 -15.43 -3.05
N ALA A 173 4.81 -14.40 -2.78
CA ALA A 173 3.37 -14.62 -2.78
C ALA A 173 2.82 -14.77 -4.18
N ALA A 174 3.36 -13.98 -5.13
CA ALA A 174 2.96 -14.13 -6.52
C ALA A 174 3.31 -15.52 -7.03
N LYS A 175 4.46 -16.05 -6.62
CA LYS A 175 4.84 -17.38 -7.02
C LYS A 175 3.88 -18.42 -6.48
N ARG A 176 3.64 -18.39 -5.16
CA ARG A 176 2.80 -19.40 -4.56
C ARG A 176 1.36 -19.33 -5.08
N GLU A 177 0.86 -18.13 -5.35
CA GLU A 177 -0.50 -17.98 -5.88
C GLU A 177 -0.59 -18.38 -7.36
N SER A 178 0.52 -18.30 -8.10
CA SER A 178 0.54 -18.78 -9.47
C SER A 178 0.44 -20.30 -9.52
N GLU A 179 1.19 -20.98 -8.65
CA GLU A 179 1.13 -22.43 -8.58
C GLU A 179 -0.22 -22.91 -8.10
N ARG A 180 -0.82 -22.18 -7.15
CA ARG A 180 -2.13 -22.58 -6.65
C ARG A 180 -3.20 -22.46 -7.74
N ILE A 181 -3.09 -21.42 -8.58
CA ILE A 181 -4.00 -21.29 -9.73
C ILE A 181 -3.84 -22.50 -10.65
N ILE A 182 -2.60 -22.86 -10.95
CA ILE A 182 -2.32 -23.99 -11.82
C ILE A 182 -2.82 -25.28 -11.19
N GLU A 183 -2.42 -25.56 -9.95
CA GLU A 183 -2.78 -26.83 -9.32
C GLU A 183 -4.29 -26.98 -9.21
N GLU A 184 -5.02 -25.90 -8.93
CA GLU A 184 -6.47 -25.95 -8.95
C GLU A 184 -7.00 -26.35 -10.32
N ALA A 185 -6.49 -25.69 -11.37
CA ALA A 185 -6.96 -26.00 -12.71
C ALA A 185 -6.55 -27.40 -13.13
N ARG A 186 -5.32 -27.80 -12.81
CA ARG A 186 -4.90 -29.17 -13.11
C ARG A 186 -5.84 -30.18 -12.47
N ARG A 187 -6.05 -30.07 -11.15
CA ARG A 187 -6.92 -31.03 -10.46
C ARG A 187 -8.29 -31.09 -11.11
N LEU A 188 -8.82 -29.94 -11.52
CA LEU A 188 -10.11 -29.96 -12.19
C LEU A 188 -10.03 -30.68 -13.53
N ILE A 189 -8.94 -30.49 -14.27
CA ILE A 189 -8.83 -31.16 -15.57
C ILE A 189 -8.67 -32.67 -15.39
N GLU A 190 -7.82 -33.11 -14.45
CA GLU A 190 -7.42 -34.52 -14.38
C GLU A 190 -8.61 -35.45 -14.21
N LYS A 191 -9.74 -34.93 -13.74
CA LYS A 191 -10.95 -35.74 -13.67
C LYS A 191 -11.48 -36.10 -15.04
N GLY A 192 -11.02 -35.42 -16.10
CA GLY A 192 -11.52 -35.66 -17.44
C GLY A 192 -10.74 -36.73 -18.19
N SER A 193 -11.45 -37.37 -19.12
CA SER A 193 -10.86 -38.25 -20.13
C SER A 193 -11.07 -37.61 -21.50
N GLY A 194 -10.30 -38.06 -22.47
CA GLY A 194 -10.53 -37.55 -23.80
C GLY A 194 -9.48 -36.54 -24.22
N SER A 195 -9.37 -36.36 -25.54
CA SER A 195 -8.27 -35.57 -26.09
C SER A 195 -8.33 -34.11 -25.65
N GLY A 196 -9.53 -33.58 -25.40
CA GLY A 196 -9.66 -32.21 -24.99
C GLY A 196 -9.10 -31.96 -23.60
N SER A 197 -9.23 -32.93 -22.70
CA SER A 197 -8.67 -32.81 -21.36
C SER A 197 -7.15 -32.92 -21.40
N GLU A 198 -6.61 -33.87 -22.17
CA GLU A 198 -5.15 -33.97 -22.25
C GLU A 198 -4.55 -32.76 -22.94
N LEU A 199 -5.24 -32.20 -23.95
CA LEU A 199 -4.77 -30.94 -24.54
C LEU A 199 -4.72 -29.84 -23.48
N ALA A 200 -5.78 -29.73 -22.68
CA ALA A 200 -5.83 -28.71 -21.64
C ALA A 200 -4.72 -28.89 -20.62
N ARG A 201 -4.43 -30.14 -20.21
CA ARG A 201 -3.28 -30.38 -19.33
C ARG A 201 -1.98 -29.93 -19.99
N GLU A 202 -1.84 -30.20 -21.29
CA GLU A 202 -0.67 -29.75 -22.05
C GLU A 202 -0.57 -28.23 -22.07
N LEU A 203 -1.69 -27.55 -22.34
CA LEU A 203 -1.67 -26.09 -22.35
C LEU A 203 -1.37 -25.55 -20.96
N LEU A 204 -1.91 -26.21 -19.93
CA LEU A 204 -1.57 -25.79 -18.58
C LEU A 204 -0.06 -25.88 -18.33
N ARG A 205 0.59 -26.95 -18.80
CA ARG A 205 2.04 -27.05 -18.62
C ARG A 205 2.79 -26.00 -19.43
N ALA A 206 2.30 -25.65 -20.62
CA ALA A 206 2.89 -24.53 -21.36
C ALA A 206 2.67 -23.21 -20.63
N HIS A 207 1.47 -23.01 -20.08
CA HIS A 207 1.23 -21.82 -19.28
C HIS A 207 2.22 -21.73 -18.12
N ALA A 208 2.44 -22.85 -17.42
CA ALA A 208 3.33 -22.82 -16.26
C ALA A 208 4.75 -22.45 -16.67
N GLN A 209 5.19 -22.91 -17.83
CA GLN A 209 6.51 -22.56 -18.32
C GLN A 209 6.62 -21.05 -18.59
N LEU A 210 5.60 -20.47 -19.23
CA LEU A 210 5.63 -19.04 -19.51
C LEU A 210 5.53 -18.22 -18.23
N GLN A 211 4.66 -18.63 -17.30
CA GLN A 211 4.55 -17.92 -16.04
C GLN A 211 5.87 -17.95 -15.27
N ARG A 212 6.67 -19.00 -15.47
CA ARG A 212 7.97 -19.09 -14.84
C ARG A 212 8.87 -17.94 -15.29
N LEU A 213 8.81 -17.58 -16.58
CA LEU A 213 9.62 -16.47 -17.08
C LEU A 213 9.06 -15.14 -16.62
N ASN A 214 7.74 -14.97 -16.62
CA ASN A 214 7.13 -13.77 -16.07
C ASN A 214 7.59 -13.53 -14.63
N LEU A 215 7.65 -14.59 -13.82
CA LEU A 215 8.05 -14.41 -12.43
C LEU A 215 9.55 -14.16 -12.31
N GLU A 216 10.36 -14.77 -13.18
CA GLU A 216 11.79 -14.51 -13.13
C GLU A 216 12.12 -13.06 -13.53
N LEU A 217 11.34 -12.48 -14.44
CA LEU A 217 11.43 -11.04 -14.69
C LEU A 217 11.45 -10.24 -13.39
N LEU A 218 10.50 -10.54 -12.49
CA LEU A 218 10.38 -9.77 -11.26
C LEU A 218 11.51 -10.08 -10.30
N ARG A 219 11.94 -11.35 -10.25
CA ARG A 219 13.09 -11.68 -9.41
C ARG A 219 14.34 -10.97 -9.90
N GLU A 220 14.58 -10.96 -11.21
CA GLU A 220 15.74 -10.27 -11.75
C GLU A 220 15.73 -8.79 -11.40
N LEU A 221 14.56 -8.17 -11.47
CA LEU A 221 14.43 -6.78 -11.07
C LEU A 221 14.73 -6.60 -9.59
N LEU A 222 14.21 -7.49 -8.74
CA LEU A 222 14.40 -7.32 -7.31
C LEU A 222 15.86 -7.56 -6.90
N ARG A 223 16.51 -8.54 -7.53
CA ARG A 223 17.93 -8.76 -7.22
C ARG A 223 18.76 -7.54 -7.58
N ALA A 224 18.47 -6.92 -8.74
CA ALA A 224 19.19 -5.71 -9.12
C ALA A 224 18.90 -4.57 -8.15
N LEU A 225 17.64 -4.43 -7.72
CA LEU A 225 17.31 -3.38 -6.78
C LEU A 225 18.06 -3.56 -5.46
N ALA A 226 18.10 -4.80 -4.94
CA ALA A 226 18.82 -5.06 -3.70
C ALA A 226 20.32 -4.79 -3.84
N GLN A 227 20.94 -5.30 -4.90
CA GLN A 227 22.36 -5.03 -5.11
C GLN A 227 22.65 -3.55 -5.26
N LEU A 228 21.77 -2.82 -5.97
CA LEU A 228 21.95 -1.38 -6.09
C LEU A 228 21.87 -0.69 -4.73
N GLN A 229 20.96 -1.15 -3.86
CA GLN A 229 20.82 -0.49 -2.57
C GLN A 229 21.96 -0.83 -1.62
N GLU A 230 22.60 -1.99 -1.79
CA GLU A 230 23.80 -2.26 -1.00
C GLU A 230 24.95 -1.34 -1.41
N LEU A 231 25.13 -1.11 -2.71
CA LEU A 231 26.07 -0.07 -3.15
C LEU A 231 25.73 1.27 -2.51
N ASN A 232 24.46 1.63 -2.50
CA ASN A 232 24.06 2.96 -2.02
C ASN A 232 24.42 3.14 -0.55
N LEU A 233 24.07 2.18 0.29
CA LEU A 233 24.42 2.27 1.71
C LEU A 233 25.93 2.26 1.91
N ASP A 234 26.64 1.36 1.23
CA ASP A 234 28.10 1.33 1.30
C ASP A 234 28.71 2.67 0.90
N LEU A 235 28.14 3.30 -0.12
CA LEU A 235 28.65 4.60 -0.56
C LEU A 235 28.35 5.69 0.44
N LEU A 236 27.15 5.68 1.04
CA LEU A 236 26.82 6.62 2.09
C LEU A 236 27.68 6.41 3.32
N ARG A 237 27.98 5.16 3.64
CA ARG A 237 28.92 4.87 4.72
C ARG A 237 30.25 5.53 4.45
N LEU A 238 30.77 5.40 3.22
CA LEU A 238 32.08 5.94 2.88
C LEU A 238 32.07 7.46 2.70
N ALA A 239 30.98 8.02 2.16
CA ALA A 239 30.95 9.44 1.86
C ALA A 239 30.80 10.31 3.11
N SER A 240 30.48 9.71 4.25
CA SER A 240 30.62 10.41 5.51
C SER A 240 31.96 10.12 6.19
N GLU A 241 32.73 9.16 5.68
CA GLU A 241 34.12 8.94 6.12
C GLU A 241 35.08 9.65 5.17
N LEU A 242 34.85 10.93 4.90
CA LEU A 242 35.73 11.68 4.02
C LEU A 242 36.45 12.75 4.82
N THR A 243 37.78 12.69 4.81
CA THR A 243 38.51 13.94 4.93
C THR A 243 38.64 14.45 3.50
N ASP A 244 39.53 13.83 2.76
CA ASP A 244 39.77 13.96 1.34
C ASP A 244 38.49 13.75 0.54
N PRO A 245 37.90 14.78 -0.10
CA PRO A 245 36.78 14.50 -0.99
C PRO A 245 37.21 14.01 -2.35
N ASP A 246 38.43 14.32 -2.80
CA ASP A 246 38.86 13.82 -4.10
C ASP A 246 38.83 12.31 -4.14
N GLU A 247 39.05 11.67 -2.98
CA GLU A 247 38.89 10.24 -2.87
C GLU A 247 37.42 9.85 -2.72
N ALA A 248 36.61 10.69 -2.08
CA ALA A 248 35.17 10.45 -2.05
C ALA A 248 34.58 10.47 -3.45
N ARG A 249 35.06 11.39 -4.30
CA ARG A 249 34.52 11.48 -5.66
C ARG A 249 34.85 10.23 -6.48
N LYS A 250 35.97 9.57 -6.21
CA LYS A 250 36.32 8.37 -6.95
C LYS A 250 35.67 7.10 -6.40
N ALA A 251 35.30 7.08 -5.11
CA ALA A 251 34.42 6.02 -4.63
C ALA A 251 33.05 6.09 -5.28
N ILE A 252 32.63 7.29 -5.65
CA ILE A 252 31.40 7.45 -6.42
C ILE A 252 31.59 6.96 -7.84
N ALA A 253 32.71 7.36 -8.47
CA ALA A 253 33.01 6.86 -9.80
C ALA A 253 33.02 5.34 -9.84
N ARG A 254 33.62 4.71 -8.82
CA ARG A 254 33.61 3.27 -8.70
C ARG A 254 32.19 2.73 -8.52
N SER A 255 31.36 3.44 -7.74
CA SER A 255 29.98 3.03 -7.57
C SER A 255 29.16 3.22 -8.83
N LYS A 256 29.46 4.24 -9.64
CA LYS A 256 28.77 4.37 -10.91
C LYS A 256 29.10 3.21 -11.84
N ARG A 257 30.37 2.79 -11.86
CA ARG A 257 30.77 1.68 -12.73
C ARG A 257 30.06 0.38 -12.34
N GLU A 258 29.95 0.10 -11.04
CA GLU A 258 29.32 -1.15 -10.62
C GLU A 258 27.81 -1.10 -10.78
N SER A 259 27.21 0.07 -10.55
CA SER A 259 25.79 0.23 -10.85
C SER A 259 25.49 -0.10 -12.30
N LYS A 260 26.36 0.35 -13.22
CA LYS A 260 26.13 0.02 -14.63
C LYS A 260 26.32 -1.47 -14.88
N ARG A 261 27.25 -2.11 -14.17
CA ARG A 261 27.43 -3.54 -14.31
C ARG A 261 26.26 -4.34 -13.74
N ILE A 262 25.64 -3.83 -12.67
CA ILE A 262 24.49 -4.50 -12.08
C ILE A 262 23.29 -4.38 -13.00
N VAL A 263 23.00 -3.16 -13.46
CA VAL A 263 21.93 -2.96 -14.44
C VAL A 263 22.17 -3.83 -15.67
N GLU A 264 23.43 -3.88 -16.13
CA GLU A 264 23.79 -4.71 -17.27
C GLU A 264 23.50 -6.18 -16.99
N ASP A 265 23.83 -6.66 -15.79
CA ASP A 265 23.52 -8.04 -15.44
C ASP A 265 22.04 -8.34 -15.59
N ALA A 266 21.18 -7.35 -15.33
CA ALA A 266 19.74 -7.56 -15.47
C ALA A 266 19.28 -7.44 -16.93
N GLU A 267 19.88 -6.52 -17.70
CA GLU A 267 19.54 -6.36 -19.11
C GLU A 267 19.78 -7.65 -19.88
N ARG A 268 20.82 -8.40 -19.50
CA ARG A 268 21.22 -9.56 -20.28
C ARG A 268 20.24 -10.73 -20.12
N GLY A 269 19.53 -10.80 -18.99
CA GLY A 269 18.48 -11.80 -18.84
C GLY A 269 17.17 -11.29 -19.40
N GLY A 270 16.19 -11.09 -18.53
CA GLY A 270 14.99 -10.29 -18.81
C GLY A 270 14.15 -10.62 -20.02
N GLY A 271 14.17 -11.84 -20.52
CA GLY A 271 13.40 -12.18 -21.70
C GLY A 271 14.21 -12.40 -22.95
N THR A 272 15.53 -12.49 -22.83
CA THR A 272 16.41 -12.78 -23.96
C THR A 272 16.02 -14.08 -24.67
N PHE A 273 15.50 -15.07 -23.94
CA PHE A 273 15.24 -16.37 -24.54
C PHE A 273 13.76 -16.67 -24.69
N ALA A 274 12.90 -15.67 -24.50
CA ALA A 274 11.46 -15.89 -24.58
C ALA A 274 11.04 -16.32 -25.98
N CYS A 275 11.68 -15.76 -27.02
CA CYS A 275 11.28 -16.10 -28.39
C CYS A 275 11.64 -17.55 -28.72
N ARG A 276 12.74 -18.06 -28.18
CA ARG A 276 13.07 -19.47 -28.37
C ARG A 276 12.16 -20.36 -27.54
N ILE A 277 11.92 -19.99 -26.28
CA ILE A 277 11.08 -20.81 -25.41
C ILE A 277 9.69 -20.97 -26.00
N ALA A 278 9.09 -19.86 -26.45
CA ALA A 278 7.81 -19.95 -27.14
C ALA A 278 7.92 -20.79 -28.40
N ALA A 279 9.00 -20.61 -29.16
CA ALA A 279 9.22 -21.41 -30.35
C ALA A 279 9.23 -22.90 -30.00
N LYS A 280 9.88 -23.26 -28.89
CA LYS A 280 9.90 -24.67 -28.51
C LYS A 280 8.51 -25.16 -28.11
N ILE A 281 7.80 -24.36 -27.32
CA ILE A 281 6.42 -24.70 -26.94
C ILE A 281 5.56 -24.92 -28.19
N ALA A 282 5.61 -23.99 -29.16
CA ALA A 282 4.77 -24.13 -30.34
C ALA A 282 5.14 -25.35 -31.17
N ALA A 283 6.42 -25.70 -31.22
CA ALA A 283 6.81 -26.88 -31.98
C ALA A 283 6.28 -28.15 -31.31
N GLU A 284 6.28 -28.19 -29.98
CA GLU A 284 5.76 -29.34 -29.27
C GLU A 284 4.26 -29.49 -29.47
N PHE A 285 3.54 -28.37 -29.62
CA PHE A 285 2.16 -28.48 -30.03
C PHE A 285 1.99 -28.81 -31.52
N GLY A 286 3.08 -28.98 -32.27
CA GLY A 286 2.96 -29.38 -33.67
C GLY A 286 2.81 -28.26 -34.68
N TYR A 287 3.10 -27.02 -34.29
CA TYR A 287 3.10 -25.90 -35.22
C TYR A 287 4.09 -26.13 -36.35
N SER A 288 3.73 -25.65 -37.55
CA SER A 288 4.66 -25.54 -38.66
C SER A 288 5.50 -24.27 -38.53
N GLU A 289 6.59 -24.20 -39.30
CA GLU A 289 7.48 -23.05 -39.20
C GLU A 289 6.75 -21.75 -39.48
N GLU A 290 5.91 -21.72 -40.51
CA GLU A 290 5.09 -20.53 -40.78
C GLU A 290 4.22 -20.20 -39.57
N GLN A 291 3.67 -21.22 -38.92
CA GLN A 291 2.82 -20.97 -37.78
C GLN A 291 3.62 -20.48 -36.57
N ILE A 292 4.85 -20.99 -36.41
CA ILE A 292 5.70 -20.51 -35.33
C ILE A 292 6.14 -19.08 -35.59
N LYS A 293 6.53 -18.77 -36.83
CA LYS A 293 6.95 -17.40 -37.11
C LYS A 293 5.78 -16.41 -36.99
N GLU A 294 4.57 -16.84 -37.32
CA GLU A 294 3.41 -15.97 -37.09
C GLU A 294 3.15 -15.79 -35.61
N LEU A 295 3.39 -16.84 -34.82
CA LEU A 295 3.16 -16.74 -33.39
C LEU A 295 4.18 -15.82 -32.73
N LEU A 296 5.45 -15.92 -33.16
CA LEU A 296 6.49 -15.08 -32.57
C LEU A 296 6.34 -13.63 -33.00
N LYS A 297 5.97 -13.39 -34.26
CA LYS A 297 5.78 -12.01 -34.73
C LYS A 297 4.67 -11.33 -33.95
N ASN A 298 3.54 -12.03 -33.76
CA ASN A 298 2.43 -11.48 -33.01
C ASN A 298 2.72 -11.38 -31.53
N ALA A 299 3.69 -12.16 -31.05
CA ALA A 299 4.17 -12.04 -29.67
C ALA A 299 5.31 -11.03 -29.54
N GLY A 300 5.36 -10.04 -30.44
CA GLY A 300 6.34 -8.97 -30.35
C GLY A 300 7.79 -9.36 -30.55
N CYS A 301 8.07 -10.57 -31.06
CA CYS A 301 9.44 -10.87 -31.44
C CYS A 301 9.78 -10.10 -32.71
N SER A 302 11.00 -9.57 -32.77
CA SER A 302 11.50 -8.97 -33.99
C SER A 302 11.56 -10.01 -35.11
N GLU A 303 11.91 -9.59 -36.33
CA GLU A 303 12.20 -10.58 -37.35
C GLU A 303 13.52 -11.27 -37.08
N ASP A 304 14.48 -10.55 -36.50
CA ASP A 304 15.74 -11.17 -36.08
C ASP A 304 15.50 -12.30 -35.09
N GLU A 305 14.64 -12.06 -34.10
CA GLU A 305 14.45 -13.01 -33.03
C GLU A 305 13.66 -14.22 -33.50
N ALA A 306 12.60 -13.99 -34.27
CA ALA A 306 11.78 -15.11 -34.75
C ALA A 306 12.56 -16.02 -35.68
N ARG A 307 13.21 -15.45 -36.70
CA ARG A 307 14.07 -16.23 -37.58
C ARG A 307 15.10 -17.00 -36.77
N ASP A 308 15.68 -16.36 -35.75
CA ASP A 308 16.66 -17.04 -34.91
C ASP A 308 16.04 -18.19 -34.13
N ALA A 309 14.79 -18.02 -33.68
CA ALA A 309 14.16 -19.05 -32.86
C ALA A 309 13.80 -20.28 -33.69
N VAL A 310 13.34 -20.09 -34.93
CA VAL A 310 13.02 -21.24 -35.77
C VAL A 310 14.28 -21.90 -36.30
N GLU A 311 15.26 -21.10 -36.76
CA GLU A 311 16.57 -21.64 -37.07
C GLU A 311 17.17 -22.37 -35.88
N TYR A 312 16.90 -21.90 -34.66
CA TYR A 312 17.40 -22.57 -33.46
C TYR A 312 16.74 -23.95 -33.27
N LEU A 313 15.45 -24.07 -33.56
CA LEU A 313 14.79 -25.37 -33.44
C LEU A 313 15.39 -26.37 -34.44
N ARG A 314 15.66 -25.93 -35.67
CA ARG A 314 16.24 -26.82 -36.66
C ARG A 314 17.74 -27.05 -36.47
N SER A 315 18.44 -26.13 -35.79
CA SER A 315 19.87 -26.32 -35.50
C SER A 315 20.10 -27.41 -34.47
N ARG A 316 19.09 -27.74 -33.66
CA ARG A 316 19.14 -28.85 -32.72
C ARG A 316 18.04 -29.84 -33.09
N PRO A 317 18.34 -30.85 -33.91
CA PRO A 317 17.35 -31.91 -34.13
C PRO A 317 16.95 -32.59 -32.83
N GLY A 318 15.69 -33.02 -32.76
CA GLY A 318 15.14 -33.66 -31.59
C GLY A 318 14.34 -32.76 -30.68
N LEU A 319 14.47 -31.44 -30.82
CA LEU A 319 13.58 -30.52 -30.12
C LEU A 319 12.13 -30.70 -30.60
N MSE B 1 -22.52 -18.92 -4.84
CA MSE B 1 -23.64 -18.00 -5.05
C MSE B 1 -23.99 -17.23 -3.77
O MSE B 1 -23.26 -16.30 -3.36
CB MSE B 1 -24.88 -18.75 -5.56
CG MSE B 1 -26.02 -17.86 -6.07
SE MSE B 1 -25.76 -17.17 -7.89
CE MSE B 1 -26.75 -15.51 -7.76
N SER B 2 -25.07 -17.63 -3.12
CA SER B 2 -25.55 -16.89 -1.96
C SER B 2 -24.63 -17.12 -0.75
N GLU B 3 -24.25 -18.38 -0.50
CA GLU B 3 -23.41 -18.65 0.66
C GLU B 3 -22.13 -17.81 0.62
N LEU B 4 -21.51 -17.69 -0.56
CA LEU B 4 -20.33 -16.86 -0.69
C LEU B 4 -20.67 -15.40 -0.43
N ALA B 5 -21.84 -14.95 -0.91
CA ALA B 5 -22.27 -13.58 -0.62
C ALA B 5 -22.38 -13.34 0.88
N ARG B 6 -22.94 -14.29 1.62
CA ARG B 6 -23.12 -14.02 3.04
C ARG B 6 -21.80 -14.06 3.80
N LYS B 7 -20.86 -14.90 3.38
CA LYS B 7 -19.53 -14.89 3.97
C LYS B 7 -18.80 -13.58 3.67
N LEU B 8 -18.97 -13.04 2.45
CA LEU B 8 -18.39 -11.74 2.14
C LEU B 8 -19.00 -10.63 2.99
N LEU B 9 -20.33 -10.63 3.11
CA LEU B 9 -20.97 -9.62 3.94
C LEU B 9 -20.61 -9.83 5.41
N GLU B 10 -20.41 -11.08 5.81
CA GLU B 10 -20.02 -11.36 7.19
C GLU B 10 -18.64 -10.81 7.51
N ALA B 11 -17.68 -11.01 6.60
CA ALA B 11 -16.34 -10.50 6.81
C ALA B 11 -16.30 -8.97 6.80
N SER B 12 -17.16 -8.33 5.99
CA SER B 12 -17.11 -6.88 5.85
C SER B 12 -17.71 -6.19 7.08
N THR B 13 -18.81 -6.71 7.61
CA THR B 13 -19.39 -6.10 8.81
C THR B 13 -18.54 -6.35 10.06
N LYS B 14 -17.93 -7.53 10.17
CA LYS B 14 -17.04 -7.76 11.32
C LYS B 14 -15.80 -6.87 11.25
N LEU B 15 -15.27 -6.62 10.05
CA LEU B 15 -14.16 -5.67 9.88
C LEU B 15 -14.58 -4.25 10.21
N GLN B 16 -15.82 -3.87 9.87
CA GLN B 16 -16.29 -2.57 10.28
C GLN B 16 -16.40 -2.47 11.80
N ARG B 17 -16.86 -3.52 12.46
CA ARG B 17 -16.87 -3.47 13.92
C ARG B 17 -15.45 -3.35 14.46
N LEU B 18 -14.49 -4.04 13.83
CA LEU B 18 -13.10 -3.91 14.26
C LEU B 18 -12.64 -2.47 14.14
N ASN B 19 -12.98 -1.82 13.03
CA ASN B 19 -12.57 -0.45 12.80
C ASN B 19 -13.28 0.52 13.74
N ILE B 20 -14.55 0.27 14.04
CA ILE B 20 -15.27 1.09 15.01
C ILE B 20 -14.60 1.01 16.38
N ARG B 21 -14.33 -0.22 16.83
CA ARG B 21 -13.63 -0.43 18.11
C ARG B 21 -12.28 0.28 18.11
N LEU B 22 -11.53 0.19 17.01
CA LEU B 22 -10.24 0.85 16.95
C LEU B 22 -10.39 2.37 17.02
N ALA B 23 -11.41 2.89 16.34
CA ALA B 23 -11.66 4.33 16.35
C ALA B 23 -12.11 4.80 17.72
N GLU B 24 -12.87 3.98 18.44
CA GLU B 24 -13.24 4.34 19.81
C GLU B 24 -12.02 4.36 20.72
N ALA B 25 -11.06 3.46 20.47
CA ALA B 25 -9.83 3.40 21.25
C ALA B 25 -8.93 4.59 20.94
N LEU B 26 -8.81 4.96 19.65
CA LEU B 26 -8.03 6.11 19.27
C LEU B 26 -8.66 7.40 19.78
N LEU B 27 -10.00 7.46 19.86
CA LEU B 27 -10.64 8.65 20.41
C LEU B 27 -10.31 8.78 21.89
N GLU B 28 -10.28 7.66 22.61
CA GLU B 28 -9.97 7.68 24.02
C GLU B 28 -8.52 8.09 24.24
N ALA B 29 -7.61 7.61 23.37
CA ALA B 29 -6.21 8.01 23.46
C ALA B 29 -6.07 9.51 23.27
N MSE B 30 -6.70 10.06 22.24
CA MSE B 30 -6.69 11.51 22.00
C MSE B 30 -7.22 12.29 23.19
O MSE B 30 -6.61 13.27 23.61
CB MSE B 30 -7.53 11.84 20.75
CG MSE B 30 -7.61 13.32 20.41
SE MSE B 30 -8.72 13.66 18.82
CE MSE B 30 -10.49 13.75 19.67
N ALA B 31 -8.37 11.84 23.73
CA ALA B 31 -8.95 12.50 24.88
C ALA B 31 -8.05 12.44 26.09
N ARG B 32 -7.42 11.28 26.34
CA ARG B 32 -6.46 11.23 27.45
C ARG B 32 -5.25 12.12 27.20
N LEU B 33 -4.82 12.26 25.95
CA LEU B 33 -3.71 13.15 25.64
C LEU B 33 -4.10 14.60 25.86
N GLN B 34 -5.29 14.98 25.37
CA GLN B 34 -5.77 16.35 25.59
C GLN B 34 -5.90 16.67 27.07
N GLU B 35 -6.40 15.72 27.85
CA GLU B 35 -6.44 15.89 29.30
C GLU B 35 -5.05 16.22 29.85
N LEU B 36 -4.01 15.55 29.34
CA LEU B 36 -2.65 15.81 29.79
C LEU B 36 -2.11 17.15 29.26
N ASN B 37 -2.46 17.53 28.03
CA ASN B 37 -2.10 18.86 27.53
C ASN B 37 -2.63 19.94 28.44
N LEU B 38 -3.87 19.80 28.90
CA LEU B 38 -4.48 20.85 29.71
C LEU B 38 -3.86 20.89 31.10
N GLU B 39 -3.48 19.74 31.66
CA GLU B 39 -2.83 19.78 32.97
C GLU B 39 -1.42 20.31 32.86
N LEU B 40 -0.79 20.13 31.70
CA LEU B 40 0.51 20.74 31.47
C LEU B 40 0.42 22.25 31.52
N VAL B 41 -0.61 22.83 30.91
CA VAL B 41 -0.76 24.28 30.93
C VAL B 41 -1.09 24.77 32.33
N TYR B 42 -1.93 24.03 33.05
CA TYR B 42 -2.33 24.43 34.39
C TYR B 42 -1.10 24.52 35.31
N LEU B 43 -0.24 23.51 35.27
CA LEU B 43 0.93 23.52 36.13
C LEU B 43 1.98 24.53 35.68
N ALA B 44 1.94 24.94 34.42
CA ALA B 44 2.86 25.99 33.95
C ALA B 44 2.43 27.38 34.40
N VAL B 45 1.14 27.57 34.68
CA VAL B 45 0.68 28.84 35.24
C VAL B 45 0.90 28.88 36.76
N GLU B 46 0.86 27.72 37.42
CA GLU B 46 0.91 27.64 38.87
C GLU B 46 2.35 27.60 39.41
N LEU B 47 3.20 26.77 38.82
CA LEU B 47 4.51 26.48 39.37
C LEU B 47 5.55 27.49 38.90
N THR B 48 6.56 27.69 39.74
CA THR B 48 7.71 28.54 39.45
C THR B 48 9.03 27.81 39.62
N ASP B 49 9.14 26.94 40.63
CA ASP B 49 10.36 26.15 40.88
C ASP B 49 10.78 25.32 39.67
N PRO B 50 11.92 25.65 39.03
CA PRO B 50 12.36 24.88 37.86
C PRO B 50 12.30 23.36 38.00
N LYS B 51 12.69 22.84 39.17
CA LYS B 51 12.75 21.39 39.36
C LYS B 51 11.36 20.77 39.37
N ARG B 52 10.42 21.40 40.10
CA ARG B 52 9.05 20.93 40.09
C ARG B 52 8.48 20.95 38.69
N ILE B 53 8.71 22.05 37.97
CA ILE B 53 8.28 22.16 36.58
C ILE B 53 8.87 21.04 35.75
N ARG B 54 10.19 20.81 35.87
CA ARG B 54 10.84 19.75 35.11
C ARG B 54 10.27 18.37 35.48
N ASP B 55 9.97 18.15 36.76
CA ASP B 55 9.43 16.86 37.19
C ASP B 55 8.04 16.62 36.63
N GLU B 56 7.18 17.66 36.62
CA GLU B 56 5.81 17.49 36.14
C GLU B 56 5.79 17.24 34.64
N ILE B 57 6.62 17.99 33.89
CA ILE B 57 6.75 17.75 32.46
C ILE B 57 7.19 16.33 32.21
N LYS B 58 8.11 15.83 33.03
CA LYS B 58 8.59 14.47 32.85
C LYS B 58 7.44 13.48 32.97
N GLU B 59 6.56 13.68 33.95
CA GLU B 59 5.47 12.73 34.16
C GLU B 59 4.43 12.82 33.05
N VAL B 60 4.15 14.04 32.57
CA VAL B 60 3.27 14.18 31.41
C VAL B 60 3.84 13.41 30.22
N LYS B 61 5.13 13.58 29.95
CA LYS B 61 5.75 12.86 28.84
C LYS B 61 5.63 11.36 29.04
N ASP B 62 5.90 10.88 30.26
CA ASP B 62 5.81 9.44 30.51
C ASP B 62 4.37 8.94 30.35
N LYS B 63 3.38 9.69 30.86
CA LYS B 63 2.00 9.24 30.68
C LYS B 63 1.60 9.30 29.21
N SER B 64 2.07 10.33 28.49
CA SER B 64 1.76 10.43 27.07
C SER B 64 2.35 9.25 26.31
N LYS B 65 3.62 8.94 26.56
CA LYS B 65 4.21 7.78 25.88
C LYS B 65 3.49 6.49 26.24
N GLU B 66 2.84 6.43 27.41
CA GLU B 66 2.12 5.21 27.74
C GLU B 66 0.81 5.14 26.97
N ILE B 67 0.12 6.28 26.84
CA ILE B 67 -1.10 6.37 26.05
C ILE B 67 -0.81 6.04 24.59
N ILE B 68 0.28 6.59 24.03
CA ILE B 68 0.64 6.28 22.65
C ILE B 68 0.91 4.80 22.48
N ARG B 69 1.81 4.24 23.29
CA ARG B 69 2.15 2.83 23.18
C ARG B 69 0.90 1.97 23.18
N ARG B 70 -0.07 2.34 24.03
CA ARG B 70 -1.34 1.64 24.11
C ARG B 70 -2.14 1.73 22.82
N ALA B 71 -2.23 2.95 22.27
CA ALA B 71 -2.94 3.13 21.01
C ALA B 71 -2.23 2.37 19.89
N GLU B 72 -0.89 2.33 19.91
CA GLU B 72 -0.19 1.56 18.88
C GLU B 72 -0.50 0.08 18.97
N LYS B 73 -0.67 -0.43 20.19
CA LYS B 73 -0.98 -1.84 20.35
C LYS B 73 -2.39 -2.15 19.86
N GLU B 74 -3.33 -1.22 20.09
CA GLU B 74 -4.66 -1.38 19.52
C GLU B 74 -4.60 -1.53 18.01
N ILE B 75 -3.75 -0.75 17.35
CA ILE B 75 -3.63 -0.86 15.90
C ILE B 75 -3.00 -2.20 15.51
N ASP B 76 -1.88 -2.56 16.15
CA ASP B 76 -1.28 -3.87 15.92
C ASP B 76 -2.29 -4.98 16.18
N ASP B 77 -3.08 -4.87 17.25
CA ASP B 77 -4.09 -5.88 17.52
C ASP B 77 -5.16 -5.90 16.43
N ALA B 78 -5.56 -4.72 15.95
CA ALA B 78 -6.54 -4.68 14.88
C ALA B 78 -5.99 -5.34 13.61
N ALA B 79 -4.71 -5.15 13.32
CA ALA B 79 -4.14 -5.78 12.14
C ALA B 79 -4.22 -7.30 12.23
N LYS B 80 -3.89 -7.86 13.40
CA LYS B 80 -3.95 -9.31 13.58
C LYS B 80 -5.39 -9.82 13.46
N GLU B 81 -6.34 -9.12 14.10
CA GLU B 81 -7.73 -9.54 14.04
C GLU B 81 -8.32 -9.36 12.65
N SER B 82 -7.86 -8.36 11.89
CA SER B 82 -8.27 -8.24 10.49
C SER B 82 -7.82 -9.45 9.69
N GLU B 83 -6.54 -9.80 9.80
CA GLU B 83 -6.02 -11.00 9.15
C GLU B 83 -6.82 -12.23 9.53
N LYS B 84 -7.16 -12.38 10.82
CA LYS B 84 -7.96 -13.52 11.26
C LYS B 84 -9.33 -13.52 10.60
N ILE B 85 -10.01 -12.38 10.62
CA ILE B 85 -11.32 -12.29 9.96
C ILE B 85 -11.19 -12.60 8.47
N LEU B 86 -10.16 -12.04 7.83
CA LEU B 86 -10.01 -12.26 6.40
C LEU B 86 -9.64 -13.71 6.10
N GLU B 87 -8.73 -14.29 6.89
CA GLU B 87 -8.39 -15.70 6.65
C GLU B 87 -9.61 -16.58 6.76
N GLU B 88 -10.53 -16.24 7.66
CA GLU B 88 -11.75 -17.01 7.80
C GLU B 88 -12.58 -16.95 6.52
N ALA B 89 -12.60 -15.79 5.85
CA ALA B 89 -13.34 -15.70 4.58
C ALA B 89 -12.59 -16.37 3.44
N ARG B 90 -11.26 -16.35 3.46
CA ARG B 90 -10.49 -17.10 2.48
C ARG B 90 -10.80 -18.59 2.56
N GLU B 91 -11.10 -19.11 3.75
CA GLU B 91 -11.43 -20.52 3.91
C GLU B 91 -12.59 -20.93 3.02
N ALA B 92 -13.70 -20.18 3.11
CA ALA B 92 -14.87 -20.48 2.29
C ALA B 92 -14.65 -20.05 0.84
N ILE B 93 -14.31 -18.80 0.62
CA ILE B 93 -14.20 -18.29 -0.74
C ILE B 93 -13.12 -19.06 -1.50
N SER B 94 -11.91 -19.12 -0.97
CA SER B 94 -10.83 -19.80 -1.69
C SER B 94 -11.07 -21.30 -1.70
N GLY B 95 -11.00 -21.89 -2.90
CA GLY B 95 -11.28 -23.28 -3.12
C GLY B 95 -12.60 -23.58 -3.81
N SER B 96 -13.42 -22.56 -4.06
CA SER B 96 -14.64 -22.75 -4.85
C SER B 96 -14.51 -22.17 -6.26
N GLY B 97 -13.41 -21.50 -6.56
CA GLY B 97 -13.12 -21.06 -7.91
C GLY B 97 -14.15 -20.08 -8.45
N SER B 98 -14.95 -19.53 -7.55
CA SER B 98 -15.78 -18.38 -7.90
C SER B 98 -14.85 -17.20 -8.12
N TYR B 99 -14.53 -16.93 -9.38
CA TYR B 99 -13.67 -15.78 -9.67
C TYR B 99 -14.27 -14.49 -9.11
N LEU B 100 -15.60 -14.39 -9.06
CA LEU B 100 -16.23 -13.17 -8.56
C LEU B 100 -16.02 -13.02 -7.06
N ALA B 101 -16.30 -14.07 -6.29
CA ALA B 101 -16.11 -13.99 -4.84
C ALA B 101 -14.64 -13.73 -4.49
N LYS B 102 -13.70 -14.32 -5.24
CA LYS B 102 -12.28 -14.05 -5.02
C LYS B 102 -11.95 -12.59 -5.26
N LEU B 103 -12.45 -12.08 -6.36
CA LEU B 103 -12.26 -10.69 -6.69
C LEU B 103 -12.84 -9.79 -5.60
N LEU B 104 -13.98 -10.17 -5.01
CA LEU B 104 -14.55 -9.32 -3.96
C LEU B 104 -13.76 -9.41 -2.66
N LEU B 105 -13.37 -10.62 -2.25
CA LEU B 105 -12.56 -10.74 -1.04
C LEU B 105 -11.25 -9.96 -1.17
N LYS B 106 -10.62 -10.03 -2.34
CA LYS B 106 -9.38 -9.29 -2.56
C LYS B 106 -9.60 -7.81 -2.40
N ALA B 107 -10.68 -7.29 -2.99
CA ALA B 107 -11.00 -5.88 -2.80
C ALA B 107 -11.15 -5.54 -1.32
N ILE B 108 -11.72 -6.45 -0.54
CA ILE B 108 -12.02 -6.19 0.86
C ILE B 108 -10.73 -6.19 1.68
N ALA B 109 -9.90 -7.22 1.47
CA ALA B 109 -8.62 -7.31 2.17
C ALA B 109 -7.74 -6.11 1.87
N GLU B 110 -7.65 -5.72 0.59
CA GLU B 110 -6.83 -4.59 0.20
C GLU B 110 -7.34 -3.30 0.83
N THR B 111 -8.65 -3.17 0.94
CA THR B 111 -9.21 -1.95 1.51
C THR B 111 -8.93 -1.87 3.01
N GLN B 112 -9.02 -3.02 3.70
CA GLN B 112 -8.75 -3.02 5.13
C GLN B 112 -7.32 -2.63 5.44
N ASP B 113 -6.38 -2.93 4.54
CA ASP B 113 -5.02 -2.44 4.75
C ASP B 113 -4.98 -0.91 4.76
N LEU B 114 -5.63 -0.28 3.77
CA LEU B 114 -5.71 1.18 3.72
C LEU B 114 -6.24 1.75 5.03
N ASN B 115 -7.33 1.18 5.54
CA ASN B 115 -7.90 1.64 6.82
C ASN B 115 -6.87 1.55 7.94
N LEU B 116 -6.09 0.47 8.00
CA LEU B 116 -5.14 0.33 9.10
C LEU B 116 -3.97 1.29 8.95
N ARG B 117 -3.46 1.50 7.73
CA ARG B 117 -2.42 2.51 7.57
C ARG B 117 -2.97 3.89 7.89
N ALA B 118 -4.20 4.17 7.47
CA ALA B 118 -4.78 5.47 7.79
C ALA B 118 -4.91 5.66 9.29
N ALA B 119 -5.25 4.59 10.02
CA ALA B 119 -5.32 4.67 11.48
C ALA B 119 -3.97 5.04 12.09
N LYS B 120 -2.88 4.46 11.57
CA LYS B 120 -1.54 4.72 12.06
C LYS B 120 -1.12 6.16 11.79
N ALA B 121 -1.57 6.74 10.67
CA ALA B 121 -1.22 8.12 10.36
C ALA B 121 -1.97 9.10 11.27
N PHE B 122 -3.22 8.79 11.61
CA PHE B 122 -3.89 9.63 12.59
C PHE B 122 -3.15 9.58 13.93
N LEU B 123 -2.70 8.39 14.33
CA LEU B 123 -2.05 8.25 15.63
C LEU B 123 -0.69 8.93 15.64
N GLU B 124 0.06 8.81 14.53
CA GLU B 124 1.33 9.52 14.42
C GLU B 124 1.12 11.04 14.56
N ALA B 125 0.09 11.58 13.90
CA ALA B 125 -0.20 13.00 14.01
C ALA B 125 -0.56 13.38 15.44
N ALA B 126 -1.35 12.55 16.11
CA ALA B 126 -1.67 12.83 17.51
C ALA B 126 -0.41 12.79 18.37
N ALA B 127 0.51 11.86 18.09
CA ALA B 127 1.73 11.77 18.89
C ALA B 127 2.67 12.94 18.59
N LYS B 128 2.81 13.32 17.31
CA LYS B 128 3.62 14.50 16.98
C LYS B 128 3.05 15.77 17.60
N LEU B 129 1.73 15.93 17.59
CA LEU B 129 1.16 17.10 18.22
C LEU B 129 1.44 17.11 19.72
N GLN B 130 1.39 15.93 20.35
CA GLN B 130 1.59 15.88 21.80
C GLN B 130 3.01 16.27 22.18
N GLU B 131 4.00 15.74 21.44
CA GLU B 131 5.38 16.08 21.71
C GLU B 131 5.66 17.54 21.40
N LEU B 132 5.00 18.07 20.37
CA LEU B 132 5.11 19.50 20.07
C LEU B 132 4.59 20.34 21.21
N ASN B 133 3.39 20.01 21.72
CA ASN B 133 2.79 20.83 22.77
C ASN B 133 3.61 20.78 24.05
N ILE B 134 4.16 19.62 24.39
CA ILE B 134 4.98 19.52 25.60
C ILE B 134 6.25 20.34 25.44
N ARG B 135 6.91 20.19 24.29
CA ARG B 135 8.14 20.93 24.02
C ARG B 135 7.87 22.44 24.01
N ALA B 136 6.71 22.84 23.49
CA ALA B 136 6.35 24.26 23.55
C ALA B 136 6.19 24.73 24.99
N VAL B 137 5.58 23.92 25.85
CA VAL B 137 5.44 24.34 27.25
C VAL B 137 6.80 24.31 27.94
N GLU B 138 7.61 23.28 27.67
CA GLU B 138 8.99 23.19 28.15
C GLU B 138 9.78 24.45 27.81
N LEU B 139 9.53 25.02 26.63
CA LEU B 139 10.29 26.19 26.19
C LEU B 139 9.71 27.47 26.78
N LEU B 140 8.40 27.56 26.87
CA LEU B 140 7.78 28.79 27.36
C LEU B 140 8.03 29.02 28.84
N VAL B 141 8.16 27.95 29.64
CA VAL B 141 8.47 28.16 31.06
C VAL B 141 9.87 28.75 31.23
N LYS B 142 10.74 28.56 30.23
CA LYS B 142 12.10 29.09 30.24
C LYS B 142 12.15 30.55 29.80
N LEU B 143 11.34 30.91 28.81
CA LEU B 143 11.41 32.20 28.15
C LEU B 143 10.59 33.23 28.91
N TYR B 144 11.06 34.48 28.87
CA TYR B 144 10.30 35.59 29.44
C TYR B 144 10.14 36.77 28.49
N ASP B 145 10.98 36.91 27.46
CA ASP B 145 10.81 37.99 26.48
C ASP B 145 9.58 37.71 25.63
N PRO B 146 8.58 38.59 25.62
CA PRO B 146 7.33 38.28 24.92
C PRO B 146 7.48 38.06 23.42
N ALA B 147 8.39 38.81 22.78
CA ALA B 147 8.64 38.63 21.36
C ALA B 147 9.12 37.22 21.04
N THR B 148 10.05 36.70 21.85
CA THR B 148 10.53 35.34 21.57
C THR B 148 9.53 34.28 21.99
N ILE B 149 8.69 34.58 22.98
CA ILE B 149 7.55 33.70 23.28
C ILE B 149 6.62 33.61 22.07
N ARG B 150 6.17 34.77 21.58
CA ARG B 150 5.31 34.79 20.40
C ARG B 150 5.93 34.01 19.26
N GLU B 151 7.21 34.25 18.98
CA GLU B 151 7.85 33.55 17.86
C GLU B 151 7.81 32.03 18.04
N ALA B 152 8.05 31.56 19.27
CA ALA B 152 7.98 30.12 19.52
C ALA B 152 6.56 29.60 19.32
N LEU B 153 5.56 30.40 19.67
CA LEU B 153 4.18 30.03 19.42
C LEU B 153 3.84 30.05 17.93
N GLU B 154 4.33 31.04 17.18
CA GLU B 154 4.09 31.05 15.73
C GLU B 154 4.74 29.83 15.06
N HIS B 155 5.90 29.40 15.55
CA HIS B 155 6.48 28.14 15.08
C HIS B 155 5.58 26.95 15.43
N ALA B 156 5.05 26.90 16.66
CA ALA B 156 4.20 25.78 17.05
C ALA B 156 2.92 25.72 16.20
N LYS B 157 2.35 26.87 15.87
CA LYS B 157 1.16 26.92 15.02
C LYS B 157 1.46 26.44 13.62
N ARG B 158 2.61 26.81 13.09
CA ARG B 158 3.02 26.43 11.75
C ARG B 158 3.28 24.92 11.69
N ARG B 159 3.99 24.40 12.68
CA ARG B 159 4.23 22.96 12.72
C ARG B 159 2.93 22.17 12.97
N SER B 160 2.02 22.72 13.78
CA SER B 160 0.73 22.06 14.00
C SER B 160 -0.04 21.87 12.70
N LYS B 161 -0.02 22.89 11.83
CA LYS B 161 -0.68 22.75 10.53
C LYS B 161 0.04 21.74 9.66
N GLU B 162 1.38 21.79 9.63
CA GLU B 162 2.11 20.79 8.87
C GLU B 162 1.75 19.37 9.28
N ILE B 163 1.57 19.14 10.58
CA ILE B 163 1.29 17.79 11.06
C ILE B 163 -0.13 17.38 10.68
N ILE B 164 -1.09 18.30 10.83
CA ILE B 164 -2.47 18.02 10.48
C ILE B 164 -2.62 17.84 8.97
N ASP B 165 -1.95 18.68 8.17
CA ASP B 165 -1.97 18.48 6.73
C ASP B 165 -1.40 17.13 6.35
N GLU B 166 -0.31 16.70 7.01
CA GLU B 166 0.25 15.38 6.73
C GLU B 166 -0.79 14.29 6.95
N ALA B 167 -1.56 14.39 8.05
CA ALA B 167 -2.57 13.36 8.31
C ALA B 167 -3.72 13.45 7.31
N GLU B 168 -4.08 14.67 6.91
CA GLU B 168 -5.18 14.83 5.96
C GLU B 168 -4.82 14.24 4.59
N ARG B 169 -3.58 14.44 4.13
CA ARG B 169 -3.17 13.82 2.87
C ARG B 169 -3.21 12.30 2.97
N ALA B 170 -2.75 11.76 4.10
CA ALA B 170 -2.83 10.31 4.28
C ALA B 170 -4.27 9.81 4.25
N ILE B 171 -5.19 10.57 4.85
CA ILE B 171 -6.58 10.10 4.85
C ILE B 171 -7.25 10.36 3.50
N ARG B 172 -6.87 11.44 2.82
CA ARG B 172 -7.26 11.62 1.42
C ARG B 172 -6.77 10.45 0.58
N ALA B 173 -5.52 10.06 0.78
CA ALA B 173 -4.95 8.95 0.02
C ALA B 173 -5.69 7.64 0.28
N ALA B 174 -6.07 7.38 1.52
CA ALA B 174 -6.84 6.16 1.79
C ALA B 174 -8.16 6.18 1.05
N LYS B 175 -8.81 7.33 0.97
CA LYS B 175 -10.10 7.38 0.30
C LYS B 175 -9.93 7.27 -1.21
N ARG B 176 -8.87 7.89 -1.73
CA ARG B 176 -8.61 7.83 -3.16
C ARG B 176 -8.29 6.40 -3.60
N GLU B 177 -7.52 5.66 -2.80
CA GLU B 177 -7.23 4.28 -3.14
C GLU B 177 -8.45 3.38 -2.93
N SER B 178 -9.22 3.61 -1.85
CA SER B 178 -10.51 2.95 -1.68
C SER B 178 -11.35 3.03 -2.95
N GLU B 179 -11.43 4.23 -3.54
CA GLU B 179 -12.22 4.40 -4.77
C GLU B 179 -11.58 3.69 -5.95
N ARG B 180 -10.26 3.75 -6.06
CA ARG B 180 -9.60 3.05 -7.17
C ARG B 180 -9.77 1.54 -7.04
N ILE B 181 -9.65 1.00 -5.82
CA ILE B 181 -9.87 -0.42 -5.62
C ILE B 181 -11.27 -0.81 -6.09
N ILE B 182 -12.27 0.01 -5.76
CA ILE B 182 -13.64 -0.31 -6.10
C ILE B 182 -13.87 -0.24 -7.60
N GLU B 183 -13.40 0.82 -8.24
CA GLU B 183 -13.65 1.03 -9.67
C GLU B 183 -12.98 -0.04 -10.53
N GLU B 184 -11.71 -0.36 -10.25
CA GLU B 184 -11.10 -1.55 -10.83
C GLU B 184 -12.01 -2.77 -10.68
N ALA B 185 -12.50 -3.01 -9.46
CA ALA B 185 -13.35 -4.16 -9.21
C ALA B 185 -14.63 -4.08 -10.01
N ARG B 186 -15.25 -2.90 -10.03
CA ARG B 186 -16.44 -2.72 -10.85
C ARG B 186 -16.18 -3.07 -12.32
N ARG B 187 -15.00 -2.73 -12.84
CA ARG B 187 -14.77 -3.04 -14.26
C ARG B 187 -14.55 -4.53 -14.46
N LEU B 188 -13.92 -5.21 -13.52
CA LEU B 188 -13.81 -6.66 -13.68
C LEU B 188 -15.13 -7.39 -13.42
N ILE B 189 -16.20 -6.68 -13.06
CA ILE B 189 -17.53 -7.27 -12.96
C ILE B 189 -18.35 -6.80 -14.16
N GLU B 190 -18.00 -5.62 -14.70
CA GLU B 190 -18.63 -5.00 -15.87
C GLU B 190 -18.77 -5.98 -17.02
N LYS B 191 -17.82 -6.91 -17.10
CA LYS B 191 -17.63 -7.73 -18.28
C LYS B 191 -18.46 -9.00 -18.25
N GLY B 192 -19.09 -9.31 -17.13
CA GLY B 192 -19.90 -10.50 -17.02
C GLY B 192 -21.37 -10.16 -16.99
N SER B 193 -22.20 -11.15 -17.28
CA SER B 193 -23.64 -11.00 -17.17
C SER B 193 -24.19 -12.16 -16.34
N GLY B 194 -25.46 -12.06 -15.99
CA GLY B 194 -26.11 -13.11 -15.25
C GLY B 194 -26.15 -12.81 -13.76
N SER B 195 -26.90 -13.66 -13.05
CA SER B 195 -27.23 -13.37 -11.65
C SER B 195 -25.99 -13.25 -10.76
N GLY B 196 -24.93 -13.99 -11.06
CA GLY B 196 -23.73 -13.90 -10.24
C GLY B 196 -23.03 -12.56 -10.39
N SER B 197 -22.97 -12.04 -11.62
CA SER B 197 -22.45 -10.70 -11.86
C SER B 197 -23.26 -9.65 -11.10
N GLU B 198 -24.57 -9.70 -11.24
CA GLU B 198 -25.43 -8.76 -10.54
C GLU B 198 -25.19 -8.82 -9.03
N LEU B 199 -25.12 -10.03 -8.46
CA LEU B 199 -24.87 -10.17 -7.03
C LEU B 199 -23.51 -9.56 -6.65
N ALA B 200 -22.49 -9.79 -7.47
CA ALA B 200 -21.18 -9.22 -7.18
C ALA B 200 -21.21 -7.68 -7.16
N ARG B 201 -22.06 -7.07 -7.98
CA ARG B 201 -22.20 -5.62 -8.01
C ARG B 201 -22.98 -5.12 -6.79
N GLU B 202 -24.01 -5.85 -6.37
CA GLU B 202 -24.70 -5.49 -5.12
C GLU B 202 -23.76 -5.58 -3.92
N LEU B 203 -22.88 -6.58 -3.92
CA LEU B 203 -21.93 -6.70 -2.83
C LEU B 203 -20.91 -5.58 -2.86
N LEU B 204 -20.39 -5.24 -4.05
CA LEU B 204 -19.49 -4.11 -4.17
C LEU B 204 -20.16 -2.82 -3.71
N ARG B 205 -21.44 -2.63 -4.04
CA ARG B 205 -22.16 -1.48 -3.49
C ARG B 205 -22.21 -1.54 -1.97
N ALA B 206 -22.51 -2.72 -1.39
CA ALA B 206 -22.48 -2.83 0.06
C ALA B 206 -21.10 -2.51 0.61
N HIS B 207 -20.05 -3.03 -0.05
CA HIS B 207 -18.70 -2.68 0.38
C HIS B 207 -18.49 -1.17 0.39
N ALA B 208 -18.99 -0.48 -0.64
CA ALA B 208 -18.72 0.96 -0.72
C ALA B 208 -19.42 1.71 0.41
N GLN B 209 -20.65 1.31 0.74
CA GLN B 209 -21.32 1.92 1.89
C GLN B 209 -20.52 1.71 3.17
N LEU B 210 -20.07 0.47 3.41
CA LEU B 210 -19.37 0.18 4.66
C LEU B 210 -18.03 0.89 4.73
N GLN B 211 -17.29 0.90 3.62
CA GLN B 211 -16.01 1.58 3.57
C GLN B 211 -16.19 3.09 3.71
N ARG B 212 -17.31 3.63 3.25
CA ARG B 212 -17.59 5.04 3.51
C ARG B 212 -17.59 5.34 5.00
N LEU B 213 -18.18 4.46 5.81
CA LEU B 213 -18.17 4.66 7.26
C LEU B 213 -16.78 4.42 7.83
N ASN B 214 -16.09 3.38 7.35
CA ASN B 214 -14.73 3.11 7.84
C ASN B 214 -13.84 4.35 7.72
N LEU B 215 -13.96 5.09 6.62
CA LEU B 215 -13.14 6.27 6.42
C LEU B 215 -13.66 7.44 7.24
N GLU B 216 -14.98 7.62 7.27
CA GLU B 216 -15.58 8.69 8.06
C GLU B 216 -15.17 8.61 9.52
N LEU B 217 -15.00 7.39 10.06
CA LEU B 217 -14.48 7.25 11.43
C LEU B 217 -13.18 8.01 11.61
N LEU B 218 -12.23 7.86 10.68
CA LEU B 218 -10.96 8.56 10.86
C LEU B 218 -11.09 10.03 10.51
N ARG B 219 -11.96 10.38 9.58
CA ARG B 219 -12.16 11.79 9.26
C ARG B 219 -12.75 12.55 10.44
N GLU B 220 -13.68 11.93 11.18
CA GLU B 220 -14.22 12.57 12.38
C GLU B 220 -13.13 12.81 13.43
N LEU B 221 -12.25 11.82 13.65
CA LEU B 221 -11.19 12.02 14.64
C LEU B 221 -10.20 13.08 14.20
N LEU B 222 -9.93 13.19 12.90
CA LEU B 222 -8.96 14.18 12.45
C LEU B 222 -9.54 15.59 12.57
N ARG B 223 -10.83 15.77 12.26
CA ARG B 223 -11.49 17.05 12.52
C ARG B 223 -11.48 17.40 14.01
N ALA B 224 -11.81 16.43 14.88
CA ALA B 224 -11.70 16.68 16.31
C ALA B 224 -10.27 17.03 16.71
N LEU B 225 -9.30 16.31 16.15
CA LEU B 225 -7.89 16.58 16.45
C LEU B 225 -7.51 18.00 16.07
N ALA B 226 -7.93 18.47 14.90
CA ALA B 226 -7.57 19.82 14.49
C ALA B 226 -8.29 20.87 15.33
N GLN B 227 -9.53 20.61 15.77
CA GLN B 227 -10.21 21.57 16.63
C GLN B 227 -9.56 21.64 18.00
N LEU B 228 -9.15 20.49 18.55
CA LEU B 228 -8.44 20.48 19.83
C LEU B 228 -7.15 21.27 19.75
N GLN B 229 -6.35 21.05 18.71
CA GLN B 229 -5.03 21.67 18.64
C GLN B 229 -5.17 23.17 18.43
N GLU B 230 -6.18 23.61 17.69
CA GLU B 230 -6.55 25.01 17.69
C GLU B 230 -6.73 25.55 19.11
N LEU B 231 -7.66 24.93 19.85
CA LEU B 231 -7.87 25.27 21.26
C LEU B 231 -6.57 25.39 22.02
N ASN B 232 -5.68 24.40 21.82
CA ASN B 232 -4.41 24.35 22.54
C ASN B 232 -3.51 25.53 22.18
N LEU B 233 -3.51 25.95 20.91
CA LEU B 233 -2.68 27.07 20.51
C LEU B 233 -3.19 28.37 21.12
N ASP B 234 -4.49 28.63 21.01
CA ASP B 234 -5.05 29.82 21.64
C ASP B 234 -4.80 29.79 23.15
N LEU B 235 -4.99 28.64 23.80
CA LEU B 235 -4.71 28.58 25.23
C LEU B 235 -3.26 28.91 25.54
N LEU B 236 -2.33 28.42 24.72
CA LEU B 236 -0.92 28.75 24.91
C LEU B 236 -0.66 30.24 24.71
N ARG B 237 -1.37 30.88 23.77
CA ARG B 237 -1.24 32.33 23.59
C ARG B 237 -1.74 33.08 24.81
N LEU B 238 -2.96 32.77 25.27
CA LEU B 238 -3.48 33.42 26.47
C LEU B 238 -2.61 33.13 27.69
N ALA B 239 -2.24 31.87 27.90
CA ALA B 239 -1.47 31.51 29.08
C ALA B 239 -0.16 32.29 29.15
N SER B 240 0.49 32.48 28.00
CA SER B 240 1.79 33.12 28.00
C SER B 240 1.70 34.64 28.11
N GLU B 241 0.50 35.19 27.98
CA GLU B 241 0.28 36.62 27.88
C GLU B 241 -0.54 37.18 29.03
N LEU B 242 -1.32 36.36 29.71
CA LEU B 242 -2.10 36.85 30.84
C LEU B 242 -1.21 37.02 32.07
N THR B 243 -1.33 38.16 32.74
CA THR B 243 -0.62 38.31 34.00
C THR B 243 -1.47 37.94 35.20
N ASP B 244 -2.81 38.06 35.11
CA ASP B 244 -3.67 37.73 36.25
C ASP B 244 -3.98 36.25 36.25
N PRO B 245 -3.56 35.48 37.27
CA PRO B 245 -3.81 34.04 37.26
C PRO B 245 -5.28 33.68 37.26
N ASP B 246 -6.10 34.45 37.97
CA ASP B 246 -7.55 34.20 37.97
C ASP B 246 -8.10 34.19 36.55
N GLU B 247 -7.66 35.14 35.73
CA GLU B 247 -8.10 35.14 34.33
C GLU B 247 -7.47 34.00 33.55
N ALA B 248 -6.23 33.62 33.88
CA ALA B 248 -5.60 32.50 33.18
C ALA B 248 -6.23 31.17 33.58
N ARG B 249 -6.75 31.06 34.81
CA ARG B 249 -7.43 29.83 35.20
C ARG B 249 -8.85 29.78 34.64
N LYS B 250 -9.52 30.93 34.52
CA LYS B 250 -10.79 30.94 33.80
C LYS B 250 -10.60 30.49 32.37
N ALA B 251 -9.45 30.82 31.77
CA ALA B 251 -9.18 30.45 30.39
C ALA B 251 -8.99 28.93 30.27
N ILE B 252 -8.15 28.36 31.12
CA ILE B 252 -7.89 26.93 31.08
C ILE B 252 -9.19 26.15 31.28
N ALA B 253 -10.02 26.60 32.23
CA ALA B 253 -11.27 25.92 32.49
C ALA B 253 -12.22 26.03 31.30
N ARG B 254 -12.24 27.19 30.66
CA ARG B 254 -13.05 27.34 29.45
C ARG B 254 -12.53 26.42 28.34
N SER B 255 -11.19 26.35 28.17
CA SER B 255 -10.60 25.42 27.22
C SER B 255 -10.98 23.98 27.54
N LYS B 256 -10.90 23.60 28.82
CA LYS B 256 -11.28 22.24 29.21
C LYS B 256 -12.74 21.97 28.90
N ARG B 257 -13.59 22.98 29.03
CA ARG B 257 -15.00 22.84 28.70
C ARG B 257 -15.21 22.62 27.21
N GLU B 258 -14.48 23.36 26.38
CA GLU B 258 -14.58 23.15 24.93
C GLU B 258 -13.99 21.80 24.53
N SER B 259 -12.91 21.36 25.18
CA SER B 259 -12.32 20.07 24.81
C SER B 259 -13.28 18.93 25.11
N LYS B 260 -13.94 18.96 26.28
CA LYS B 260 -14.92 17.92 26.60
C LYS B 260 -16.08 17.95 25.62
N ARG B 261 -16.56 19.14 25.27
CA ARG B 261 -17.62 19.22 24.27
C ARG B 261 -17.19 18.58 22.95
N ILE B 262 -15.94 18.81 22.53
CA ILE B 262 -15.47 18.26 21.27
C ILE B 262 -15.39 16.74 21.33
N VAL B 263 -14.78 16.22 22.38
CA VAL B 263 -14.64 14.78 22.51
C VAL B 263 -16.00 14.10 22.58
N GLU B 264 -16.90 14.66 23.41
CA GLU B 264 -18.21 14.06 23.58
C GLU B 264 -18.98 14.00 22.27
N ASP B 265 -18.84 15.02 21.42
CA ASP B 265 -19.46 14.97 20.10
C ASP B 265 -18.84 13.87 19.25
N ALA B 266 -17.50 13.80 19.22
CA ALA B 266 -16.86 12.70 18.51
C ALA B 266 -17.33 11.36 19.05
N GLU B 267 -17.66 11.29 20.34
CA GLU B 267 -18.10 10.04 20.94
C GLU B 267 -19.49 9.65 20.47
N ARG B 268 -20.39 10.62 20.34
CA ARG B 268 -21.73 10.34 19.84
C ARG B 268 -21.73 10.08 18.34
N GLY B 269 -20.68 10.48 17.63
CA GLY B 269 -20.46 10.09 16.25
C GLY B 269 -19.83 8.71 16.19
N GLY B 270 -19.10 8.45 15.11
CA GLY B 270 -18.39 7.18 14.99
C GLY B 270 -19.28 6.06 14.48
N GLY B 271 -19.37 4.97 15.24
CA GLY B 271 -20.09 3.81 14.74
C GLY B 271 -21.55 3.76 15.12
N THR B 272 -22.09 4.90 15.58
CA THR B 272 -23.41 4.93 16.20
C THR B 272 -24.49 4.26 15.34
N PHE B 273 -24.47 4.51 14.03
CA PHE B 273 -25.53 4.08 13.13
C PHE B 273 -25.13 2.90 12.27
N ALA B 274 -23.98 2.29 12.56
CA ALA B 274 -23.47 1.18 11.76
C ALA B 274 -24.44 0.02 11.74
N CYS B 275 -25.17 -0.21 12.84
CA CYS B 275 -26.05 -1.37 12.88
C CYS B 275 -27.27 -1.13 12.00
N ARG B 276 -27.74 0.12 11.90
CA ARG B 276 -28.85 0.45 11.01
C ARG B 276 -28.46 0.28 9.54
N ILE B 277 -27.28 0.79 9.17
CA ILE B 277 -26.81 0.64 7.79
C ILE B 277 -26.65 -0.83 7.44
N ALA B 278 -26.00 -1.59 8.34
CA ALA B 278 -25.83 -3.02 8.10
C ALA B 278 -27.17 -3.72 7.93
N ALA B 279 -28.14 -3.39 8.79
CA ALA B 279 -29.44 -4.05 8.70
C ALA B 279 -30.12 -3.75 7.36
N LYS B 280 -30.01 -2.52 6.88
CA LYS B 280 -30.60 -2.16 5.59
C LYS B 280 -29.95 -2.96 4.47
N ILE B 281 -28.62 -3.09 4.49
CA ILE B 281 -27.93 -3.86 3.47
C ILE B 281 -28.39 -5.32 3.51
N ALA B 282 -28.44 -5.90 4.71
CA ALA B 282 -28.84 -7.29 4.83
C ALA B 282 -30.29 -7.50 4.38
N ALA B 283 -31.17 -6.57 4.72
CA ALA B 283 -32.55 -6.66 4.24
C ALA B 283 -32.61 -6.61 2.72
N GLU B 284 -31.79 -5.75 2.10
CA GLU B 284 -31.74 -5.67 0.64
C GLU B 284 -31.30 -7.00 0.03
N PHE B 285 -30.42 -7.73 0.70
CA PHE B 285 -30.01 -9.01 0.14
C PHE B 285 -30.99 -10.13 0.47
N GLY B 286 -32.14 -9.84 1.07
CA GLY B 286 -33.14 -10.85 1.30
C GLY B 286 -33.02 -11.57 2.62
N TYR B 287 -32.22 -11.06 3.56
CA TYR B 287 -32.12 -11.70 4.87
C TYR B 287 -33.45 -11.64 5.61
N SER B 288 -33.79 -12.72 6.29
CA SER B 288 -34.90 -12.68 7.22
C SER B 288 -34.51 -11.89 8.47
N GLU B 289 -35.49 -11.65 9.35
CA GLU B 289 -35.18 -10.97 10.63
C GLU B 289 -34.22 -11.81 11.46
N GLU B 290 -34.55 -13.08 11.70
CA GLU B 290 -33.60 -14.04 12.27
C GLU B 290 -32.20 -13.79 11.71
N GLN B 291 -32.07 -13.74 10.38
CA GLN B 291 -30.76 -13.67 9.75
C GLN B 291 -30.11 -12.30 9.93
N ILE B 292 -30.92 -11.22 9.97
CA ILE B 292 -30.37 -9.90 10.22
C ILE B 292 -29.84 -9.80 11.64
N LYS B 293 -30.59 -10.32 12.62
CA LYS B 293 -30.13 -10.25 14.00
C LYS B 293 -28.86 -11.06 14.19
N GLU B 294 -28.77 -12.23 13.57
CA GLU B 294 -27.50 -12.97 13.64
C GLU B 294 -26.38 -12.18 13.01
N LEU B 295 -26.63 -11.57 11.84
CA LEU B 295 -25.60 -10.76 11.22
C LEU B 295 -25.12 -9.65 12.16
N LEU B 296 -26.06 -8.90 12.74
CA LEU B 296 -25.69 -7.81 13.62
C LEU B 296 -24.99 -8.32 14.87
N LYS B 297 -25.42 -9.48 15.39
CA LYS B 297 -24.77 -10.05 16.56
C LYS B 297 -23.32 -10.40 16.25
N ASN B 298 -23.08 -11.05 15.11
CA ASN B 298 -21.70 -11.40 14.79
C ASN B 298 -20.87 -10.18 14.46
N ALA B 299 -21.53 -9.05 14.15
CA ALA B 299 -20.89 -7.78 13.87
C ALA B 299 -20.75 -6.93 15.13
N GLY B 300 -20.91 -7.52 16.32
CA GLY B 300 -20.68 -6.82 17.57
C GLY B 300 -21.75 -5.84 17.99
N CYS B 301 -22.93 -5.89 17.39
CA CYS B 301 -24.00 -4.99 17.82
C CYS B 301 -24.59 -5.51 19.13
N SER B 302 -24.93 -4.59 20.03
CA SER B 302 -25.60 -5.04 21.24
C SER B 302 -27.03 -5.47 20.89
N GLU B 303 -27.68 -6.16 21.83
CA GLU B 303 -29.02 -6.65 21.54
C GLU B 303 -30.00 -5.51 21.31
N ASP B 304 -29.81 -4.40 22.02
CA ASP B 304 -30.67 -3.24 21.85
C ASP B 304 -30.39 -2.48 20.56
N GLU B 305 -29.11 -2.44 20.13
CA GLU B 305 -28.79 -1.79 18.86
C GLU B 305 -29.47 -2.49 17.71
N ALA B 306 -29.55 -3.82 17.77
CA ALA B 306 -30.13 -4.61 16.69
C ALA B 306 -31.65 -4.61 16.73
N ARG B 307 -32.25 -4.64 17.91
CA ARG B 307 -33.68 -4.34 17.99
C ARG B 307 -33.96 -2.97 17.39
N ASP B 308 -33.09 -1.99 17.68
CA ASP B 308 -33.25 -0.66 17.13
C ASP B 308 -33.07 -0.64 15.62
N ALA B 309 -32.06 -1.37 15.12
CA ALA B 309 -31.80 -1.35 13.69
C ALA B 309 -32.92 -2.03 12.92
N VAL B 310 -33.50 -3.08 13.50
CA VAL B 310 -34.64 -3.77 12.87
C VAL B 310 -35.86 -2.86 12.82
N GLU B 311 -36.13 -2.13 13.91
CA GLU B 311 -37.24 -1.18 13.89
C GLU B 311 -37.00 -0.06 12.89
N TYR B 312 -35.74 0.36 12.72
CA TYR B 312 -35.42 1.37 11.72
C TYR B 312 -35.77 0.88 10.33
N LEU B 313 -35.56 -0.41 10.06
CA LEU B 313 -35.91 -0.96 8.74
C LEU B 313 -37.40 -0.81 8.46
N ARG B 314 -38.23 -1.01 9.48
CA ARG B 314 -39.68 -0.84 9.37
C ARG B 314 -40.04 0.56 8.90
N SER B 315 -39.49 1.58 9.56
CA SER B 315 -39.70 2.96 9.12
C SER B 315 -38.36 3.68 8.83
C1 EOH C . -2.40 -21.00 -22.47
C2 EOH C . -2.84 -21.77 -21.23
O EOH C . -1.12 -21.40 -22.93
C1 EOH D . -18.37 -6.57 0.42
C2 EOH D . -18.23 -7.24 -0.94
O EOH D . -19.18 -7.32 1.28
C1 EOH E . -10.65 2.38 10.17
C2 EOH E . -10.14 2.90 11.50
O EOH E . -11.71 3.16 9.67
C1 EOH F . -20.29 -13.13 -6.23
C2 EOH F . -20.46 -13.75 -4.84
O EOH F . -21.24 -13.56 -7.19
#